data_8X7P
#
_entry.id   8X7P
#
loop_
_entity.id
_entity.type
_entity.pdbx_description
1 polymer Alpha-synuclein
2 non-polymer copper;trisodium;18-(2-carboxylatoethyl)-20-(carboxylatomethyl)-12-ethenyl-7-ethyl-3,8,13,17-tetramethyl-17,18-dihydroporphyrin-21,23-diide-2-carboxylate
#
_entity_poly.entity_id   1
_entity_poly.type   'polypeptide(L)'
_entity_poly.pdbx_seq_one_letter_code
;MDVFMKGLSKAKEGVVAAAEKTKQGVAEAAGKTKEGVLYVGSKTKKGVVHGVATVAEKTKEQVTNVGGAVVTGVTAVAQK
TVEGAGSIAAATGFVKKDQLGKNEEGAPQEGILEDMPVDPDNEAYEMPSEEGYQDYEPEA
;
_entity_poly.pdbx_strand_id   A,B,C,D,E,F,G,H,I,J
#
loop_
_chem_comp.id
_chem_comp.type
_chem_comp.name
_chem_comp.formula
V79 non-polymer copper;trisodium;18-(2-carboxylatoethyl)-20-(carboxylatomethyl)-12-ethenyl-7-ethyl-3,8,13,17-tetramethyl-17,18-dihydroporphyrin-21,23-diide-2-carboxylate 'C34 H34 Cu N4 O6 2'
#
# COMPACT_ATOMS: atom_id res chain seq x y z
N LYS A 45 -33.15 -31.40 -5.39
CA LYS A 45 -33.32 -30.22 -4.56
C LYS A 45 -34.25 -29.23 -5.24
N LYS A 46 -34.69 -28.23 -4.47
CA LYS A 46 -35.63 -27.25 -4.98
C LYS A 46 -35.25 -25.87 -4.44
N GLY A 47 -35.36 -24.86 -5.29
CA GLY A 47 -35.09 -23.50 -4.89
C GLY A 47 -35.89 -22.49 -5.66
N VAL A 48 -36.46 -21.51 -4.97
CA VAL A 48 -37.17 -20.41 -5.60
C VAL A 48 -36.67 -19.12 -4.99
N VAL A 49 -36.19 -18.19 -5.81
CA VAL A 49 -35.63 -16.95 -5.29
C VAL A 49 -36.38 -15.79 -5.92
N HIS A 50 -36.37 -14.65 -5.25
CA HIS A 50 -36.76 -13.39 -5.87
C HIS A 50 -35.56 -12.61 -6.36
N GLY A 51 -34.39 -12.90 -5.84
CA GLY A 51 -33.26 -12.10 -6.25
C GLY A 51 -33.08 -10.88 -5.38
N VAL A 52 -31.83 -10.61 -5.03
CA VAL A 52 -30.69 -11.28 -5.61
C VAL A 52 -30.17 -12.39 -4.69
N ALA A 53 -30.15 -13.62 -5.17
CA ALA A 53 -29.59 -14.70 -4.37
C ALA A 53 -28.18 -15.03 -4.84
N THR A 54 -27.53 -15.93 -4.10
CA THR A 54 -26.30 -16.57 -4.54
C THR A 54 -26.20 -17.89 -3.77
N VAL A 55 -26.56 -18.98 -4.42
CA VAL A 55 -26.74 -20.25 -3.75
C VAL A 55 -25.71 -21.21 -4.29
N ALA A 56 -25.11 -22.03 -3.43
CA ALA A 56 -23.93 -22.76 -3.84
C ALA A 56 -23.66 -23.92 -2.89
N GLU A 57 -22.60 -24.66 -3.21
CA GLU A 57 -21.99 -25.64 -2.32
C GLU A 57 -20.50 -25.70 -2.64
N LYS A 58 -19.68 -25.98 -1.62
CA LYS A 58 -18.23 -26.21 -1.74
C LYS A 58 -17.51 -25.01 -2.35
N THR A 59 -17.86 -23.83 -1.88
CA THR A 59 -17.58 -22.61 -2.60
C THR A 59 -16.58 -21.73 -1.91
N LYS A 60 -15.49 -21.38 -2.56
CA LYS A 60 -14.44 -20.69 -1.82
C LYS A 60 -14.79 -19.23 -1.53
N GLU A 61 -15.36 -18.50 -2.48
CA GLU A 61 -15.69 -17.10 -2.21
C GLU A 61 -17.09 -16.79 -2.71
N GLN A 62 -17.75 -15.85 -2.03
CA GLN A 62 -19.10 -15.42 -2.35
C GLN A 62 -19.26 -13.96 -2.04
N VAL A 63 -19.90 -13.23 -2.96
CA VAL A 63 -20.25 -11.82 -2.76
C VAL A 63 -21.65 -11.63 -3.29
N THR A 64 -22.50 -10.98 -2.51
CA THR A 64 -23.81 -10.56 -2.97
C THR A 64 -23.91 -9.07 -2.73
N ASN A 65 -24.31 -8.33 -3.74
CA ASN A 65 -24.33 -6.89 -3.57
C ASN A 65 -25.60 -6.36 -4.20
N VAL A 66 -26.19 -5.36 -3.54
CA VAL A 66 -27.16 -4.45 -4.10
C VAL A 66 -26.76 -3.10 -3.55
N GLY A 67 -26.29 -2.18 -4.36
CA GLY A 67 -25.90 -0.90 -3.79
C GLY A 67 -25.10 0.01 -4.68
N GLY A 68 -23.97 0.51 -4.17
CA GLY A 68 -23.20 -0.09 -3.10
C GLY A 68 -21.88 -0.67 -3.55
N ALA A 69 -20.99 -0.96 -2.61
CA ALA A 69 -19.65 -1.41 -2.93
C ALA A 69 -19.22 -2.55 -2.03
N VAL A 70 -18.46 -3.47 -2.59
CA VAL A 70 -17.86 -4.58 -1.86
C VAL A 70 -16.46 -4.76 -2.38
N VAL A 71 -15.47 -4.72 -1.49
CA VAL A 71 -14.08 -4.92 -1.86
C VAL A 71 -13.56 -6.09 -1.05
N THR A 72 -13.21 -7.17 -1.72
CA THR A 72 -12.75 -8.36 -1.06
C THR A 72 -11.41 -8.81 -1.60
N GLY A 73 -10.90 -8.16 -2.62
CA GLY A 73 -9.71 -8.61 -3.29
C GLY A 73 -8.49 -7.79 -3.00
N VAL A 74 -7.34 -8.40 -3.27
CA VAL A 74 -6.05 -7.79 -3.06
C VAL A 74 -5.89 -6.61 -3.99
N THR A 75 -5.40 -5.50 -3.47
CA THR A 75 -5.35 -4.27 -4.26
C THR A 75 -4.19 -3.43 -3.79
N ALA A 76 -3.34 -3.02 -4.71
CA ALA A 76 -2.20 -2.18 -4.36
C ALA A 76 -2.18 -0.99 -5.28
N VAL A 77 -2.22 0.19 -4.72
CA VAL A 77 -2.13 1.40 -5.51
C VAL A 77 -0.93 2.17 -5.01
N ALA A 78 -0.01 2.47 -5.89
CA ALA A 78 1.11 3.32 -5.56
C ALA A 78 1.06 4.51 -6.48
N GLN A 79 1.22 5.70 -5.96
CA GLN A 79 0.88 6.86 -6.74
C GLN A 79 1.72 8.02 -6.26
N LYS A 80 2.07 8.92 -7.17
CA LYS A 80 3.06 9.95 -6.87
C LYS A 80 2.52 11.36 -6.97
N THR A 81 1.59 11.64 -7.87
CA THR A 81 1.06 12.99 -8.01
C THR A 81 -0.26 12.94 -8.74
N VAL A 82 -1.30 13.54 -8.17
CA VAL A 82 -2.60 13.63 -8.80
C VAL A 82 -2.98 15.10 -8.88
N GLU A 83 -3.34 15.56 -10.06
CA GLU A 83 -3.72 16.95 -10.28
C GLU A 83 -4.96 16.96 -11.15
N GLY A 84 -5.38 18.14 -11.55
CA GLY A 84 -6.49 18.27 -12.48
C GLY A 84 -7.84 18.27 -11.78
N ALA A 85 -8.82 18.84 -12.46
CA ALA A 85 -10.12 19.11 -11.84
C ALA A 85 -11.24 18.77 -12.81
N GLY A 86 -11.76 17.54 -12.76
CA GLY A 86 -11.35 16.54 -11.80
C GLY A 86 -11.25 15.18 -12.45
N SER A 87 -10.11 14.53 -12.25
CA SER A 87 -9.74 13.35 -12.99
C SER A 87 -9.76 12.12 -12.09
N ILE A 88 -10.48 11.09 -12.52
CA ILE A 88 -10.50 9.84 -11.78
C ILE A 88 -9.14 9.22 -12.07
N ALA A 89 -8.26 9.24 -11.09
CA ALA A 89 -6.89 8.76 -11.27
C ALA A 89 -6.82 7.25 -11.44
N ALA A 90 -7.08 6.50 -10.37
CA ALA A 90 -7.01 5.05 -10.43
C ALA A 90 -8.29 4.46 -9.84
N ALA A 91 -9.21 4.05 -10.71
CA ALA A 91 -10.46 3.49 -10.26
C ALA A 91 -10.52 2.01 -10.58
N THR A 92 -10.85 1.18 -9.61
CA THR A 92 -10.94 -0.24 -9.88
C THR A 92 -12.37 -0.68 -10.15
N GLY A 93 -13.25 -0.53 -9.19
CA GLY A 93 -14.65 -0.81 -9.42
C GLY A 93 -15.42 0.45 -9.15
N PHE A 94 -16.15 0.95 -10.12
CA PHE A 94 -16.54 2.34 -10.04
C PHE A 94 -17.89 2.47 -10.72
N VAL A 95 -18.72 3.37 -10.21
CA VAL A 95 -20.05 3.63 -10.73
C VAL A 95 -20.41 5.06 -10.40
N LYS A 96 -20.67 5.86 -11.43
CA LYS A 96 -21.04 7.26 -11.23
C LYS A 96 -22.34 7.60 -11.95
N LYS A 97 -23.40 7.80 -11.18
CA LYS A 97 -24.70 8.12 -11.75
C LYS A 97 -25.24 9.45 -11.24
N ASP A 98 -24.45 10.51 -11.37
CA ASP A 98 -24.86 11.83 -10.92
C ASP A 98 -26.08 12.31 -11.70
N GLN A 99 -26.98 13.01 -11.02
CA GLN A 99 -28.19 13.52 -11.65
C GLN A 99 -28.24 15.04 -11.61
N LYS B 45 -33.61 -31.79 -10.33
CA LYS B 45 -33.74 -30.60 -9.50
C LYS B 45 -34.65 -29.58 -10.18
N LYS B 46 -35.06 -28.57 -9.42
CA LYS B 46 -35.98 -27.57 -9.93
C LYS B 46 -35.56 -26.21 -9.38
N GLY B 47 -35.64 -25.19 -10.23
CA GLY B 47 -35.32 -23.84 -9.82
C GLY B 47 -36.09 -22.80 -10.61
N VAL B 48 -36.65 -21.81 -9.92
CA VAL B 48 -37.33 -20.69 -10.55
C VAL B 48 -36.79 -19.42 -9.93
N VAL B 49 -36.29 -18.50 -10.75
CA VAL B 49 -35.71 -17.28 -10.22
C VAL B 49 -36.42 -16.10 -10.86
N HIS B 50 -36.38 -14.95 -10.18
CA HIS B 50 -36.73 -13.68 -10.81
C HIS B 50 -35.50 -12.93 -11.28
N GLY B 51 -34.35 -13.26 -10.76
CA GLY B 51 -33.19 -12.49 -11.16
C GLY B 51 -32.99 -11.26 -10.28
N VAL B 52 -31.74 -11.04 -9.92
CA VAL B 52 -30.62 -11.73 -10.50
C VAL B 52 -30.13 -12.87 -9.57
N ALA B 53 -30.13 -14.09 -10.06
CA ALA B 53 -29.61 -15.18 -9.25
C ALA B 53 -28.20 -15.55 -9.71
N THR B 54 -27.59 -16.46 -8.97
CA THR B 54 -26.36 -17.14 -9.40
C THR B 54 -26.31 -18.46 -8.65
N VAL B 55 -26.70 -19.54 -9.29
CA VAL B 55 -26.92 -20.81 -8.62
C VAL B 55 -25.90 -21.80 -9.17
N ALA B 56 -25.33 -22.62 -8.30
CA ALA B 56 -24.17 -23.41 -8.69
C ALA B 56 -23.93 -24.56 -7.75
N GLU B 57 -22.89 -25.32 -8.05
CA GLU B 57 -22.31 -26.31 -7.17
C GLU B 57 -20.83 -26.42 -7.48
N LYS B 58 -20.02 -26.73 -6.46
CA LYS B 58 -18.58 -27.00 -6.57
C LYS B 58 -17.82 -25.82 -7.17
N THR B 59 -18.15 -24.63 -6.70
CA THR B 59 -17.83 -23.41 -7.42
C THR B 59 -16.81 -22.55 -6.71
N LYS B 60 -15.70 -22.23 -7.36
CA LYS B 60 -14.64 -21.57 -6.60
C LYS B 60 -14.96 -20.10 -6.32
N GLU B 61 -15.50 -19.36 -7.26
CA GLU B 61 -15.79 -17.95 -7.00
C GLU B 61 -17.18 -17.60 -7.50
N GLN B 62 -17.82 -16.65 -6.83
CA GLN B 62 -19.16 -16.18 -7.16
C GLN B 62 -19.29 -14.71 -6.86
N VAL B 63 -19.89 -13.97 -7.77
CA VAL B 63 -20.21 -12.56 -7.57
C VAL B 63 -21.60 -12.33 -8.11
N THR B 64 -22.44 -11.65 -7.34
CA THR B 64 -23.73 -11.20 -7.81
C THR B 64 -23.80 -9.71 -7.56
N ASN B 65 -24.17 -8.95 -8.57
CA ASN B 65 -24.15 -7.52 -8.39
C ASN B 65 -25.40 -6.95 -9.03
N VAL B 66 -25.97 -5.94 -8.38
CA VAL B 66 -26.92 -5.00 -8.95
C VAL B 66 -26.49 -3.67 -8.39
N GLY B 67 -25.99 -2.76 -9.20
CA GLY B 67 -25.57 -1.50 -8.62
C GLY B 67 -24.73 -0.60 -9.50
N GLY B 68 -23.60 -0.13 -8.98
CA GLY B 68 -22.85 -0.75 -7.91
C GLY B 68 -21.54 -1.37 -8.36
N ALA B 69 -20.67 -1.69 -7.40
CA ALA B 69 -19.34 -2.16 -7.72
C ALA B 69 -18.95 -3.32 -6.82
N VAL B 70 -18.21 -4.26 -7.38
CA VAL B 70 -17.64 -5.38 -6.64
C VAL B 70 -16.24 -5.60 -7.15
N VAL B 71 -15.26 -5.58 -6.26
CA VAL B 71 -13.87 -5.82 -6.60
C VAL B 71 -13.39 -7.01 -5.79
N THR B 72 -13.06 -8.08 -6.47
CA THR B 72 -12.64 -9.30 -5.81
C THR B 72 -11.30 -9.78 -6.34
N GLY B 73 -10.77 -9.13 -7.36
CA GLY B 73 -9.59 -9.63 -8.03
C GLY B 73 -8.35 -8.83 -7.72
N VAL B 74 -7.22 -9.48 -7.99
CA VAL B 74 -5.90 -8.90 -7.77
C VAL B 74 -5.71 -7.72 -8.70
N THR B 75 -5.19 -6.62 -8.17
CA THR B 75 -5.11 -5.40 -8.95
C THR B 75 -3.94 -4.59 -8.47
N ALA B 76 -3.06 -4.20 -9.39
CA ALA B 76 -1.90 -3.40 -9.03
C ALA B 76 -1.85 -2.19 -9.94
N VAL B 77 -1.87 -1.01 -9.38
CA VAL B 77 -1.73 0.19 -10.17
C VAL B 77 -0.52 0.93 -9.65
N ALA B 78 0.42 1.21 -10.52
CA ALA B 78 1.57 2.03 -10.19
C ALA B 78 1.55 3.21 -11.11
N GLN B 79 1.73 4.40 -10.58
CA GLN B 79 1.43 5.57 -11.36
C GLN B 79 2.30 6.71 -10.88
N LYS B 80 2.68 7.61 -11.79
CA LYS B 80 3.69 8.61 -11.46
C LYS B 80 3.20 10.03 -11.57
N THR B 81 2.28 10.34 -12.49
CA THR B 81 1.78 11.70 -12.61
C THR B 81 0.46 11.68 -13.35
N VAL B 82 -0.57 12.31 -12.80
CA VAL B 82 -1.86 12.44 -13.44
C VAL B 82 -2.19 13.91 -13.51
N GLU B 83 -2.52 14.39 -14.71
CA GLU B 83 -2.88 15.78 -14.92
C GLU B 83 -4.11 15.82 -15.79
N GLY B 84 -4.50 17.03 -16.20
CA GLY B 84 -5.59 17.19 -17.13
C GLY B 84 -6.95 17.22 -16.44
N ALA B 85 -7.92 17.81 -17.13
CA ALA B 85 -9.21 18.11 -16.51
C ALA B 85 -10.33 17.81 -17.51
N GLY B 86 -10.88 16.59 -17.46
CA GLY B 86 -10.51 15.57 -16.50
C GLY B 86 -10.43 14.22 -17.14
N SER B 87 -9.31 13.54 -16.94
CA SER B 87 -8.96 12.34 -17.67
C SER B 87 -9.03 11.12 -16.79
N ILE B 88 -9.77 10.10 -17.22
CA ILE B 88 -9.83 8.86 -16.47
C ILE B 88 -8.49 8.21 -16.77
N ALA B 89 -7.61 8.20 -15.78
CA ALA B 89 -6.26 7.69 -15.94
C ALA B 89 -6.23 6.17 -16.11
N ALA B 90 -6.50 5.43 -15.04
CA ALA B 90 -6.48 3.99 -15.11
C ALA B 90 -7.77 3.42 -14.53
N ALA B 91 -8.69 3.04 -15.41
CA ALA B 91 -9.97 2.51 -14.98
C ALA B 91 -10.07 1.02 -15.30
N THR B 92 -10.41 0.20 -14.32
CA THR B 92 -10.54 -1.21 -14.61
C THR B 92 -11.98 -1.61 -14.89
N GLY B 93 -12.87 -1.44 -13.93
CA GLY B 93 -14.28 -1.68 -14.17
C GLY B 93 -15.02 -0.41 -13.90
N PHE B 94 -15.72 0.13 -14.87
CA PHE B 94 -16.08 1.52 -14.80
C PHE B 94 -17.41 1.68 -15.49
N VAL B 95 -18.23 2.60 -14.98
CA VAL B 95 -19.54 2.90 -15.51
C VAL B 95 -19.87 4.34 -15.19
N LYS B 96 -20.11 5.16 -16.21
CA LYS B 96 -20.44 6.55 -16.02
C LYS B 96 -21.72 6.92 -16.74
N LYS B 97 -22.79 7.17 -15.97
CA LYS B 97 -24.07 7.51 -16.56
C LYS B 97 -24.58 8.86 -16.05
N ASP B 98 -23.76 9.89 -16.16
CA ASP B 98 -24.14 11.23 -15.72
C ASP B 98 -25.35 11.74 -16.50
N GLN B 99 -26.22 12.47 -15.83
CA GLN B 99 -27.41 13.01 -16.47
C GLN B 99 -27.43 14.53 -16.42
N LYS C 45 34.19 26.21 -14.18
CA LYS C 45 34.22 25.63 -12.85
C LYS C 45 35.21 24.47 -12.81
N LYS C 46 35.53 24.03 -11.59
CA LYS C 46 36.50 22.98 -11.40
C LYS C 46 36.03 22.05 -10.29
N GLY C 47 36.23 20.76 -10.48
CA GLY C 47 35.87 19.79 -9.47
C GLY C 47 36.75 18.55 -9.52
N VAL C 48 37.20 18.09 -8.36
CA VAL C 48 37.97 16.86 -8.24
C VAL C 48 37.35 16.04 -7.13
N VAL C 49 36.96 14.80 -7.41
CA VAL C 49 36.33 13.97 -6.39
C VAL C 49 37.12 12.69 -6.26
N HIS C 50 37.00 12.05 -5.10
CA HIS C 50 37.44 10.66 -4.93
C HIS C 50 36.29 9.69 -5.10
N GLY C 51 35.08 10.15 -4.95
CA GLY C 51 33.99 9.20 -5.03
C GLY C 51 33.67 8.58 -3.69
N VAL C 52 32.39 8.47 -3.40
CA VAL C 52 31.35 8.69 -4.39
C VAL C 52 30.73 10.10 -4.23
N ALA C 53 30.80 10.91 -5.27
CA ALA C 53 30.16 12.21 -5.21
C ALA C 53 28.84 12.19 -5.95
N THR C 54 28.11 13.30 -5.86
CA THR C 54 26.96 13.59 -6.71
C THR C 54 26.80 15.10 -6.75
N VAL C 55 27.26 15.71 -7.81
CA VAL C 55 27.38 17.17 -7.87
C VAL C 55 26.45 17.67 -8.95
N ALA C 56 25.76 18.77 -8.70
CA ALA C 56 24.66 19.14 -9.58
C ALA C 56 24.29 20.61 -9.39
N GLU C 57 23.30 21.02 -10.17
CA GLU C 57 22.61 22.28 -9.99
C GLU C 57 21.17 22.11 -10.49
N LYS C 58 20.23 22.83 -9.86
CA LYS C 58 18.82 22.90 -10.26
C LYS C 58 18.16 21.52 -10.25
N THR C 59 18.41 20.77 -9.20
CA THR C 59 18.20 19.33 -9.24
C THR C 59 17.10 18.87 -8.30
N LYS C 60 16.10 18.19 -8.83
CA LYS C 60 14.95 17.93 -7.96
C LYS C 60 15.22 16.84 -6.93
N GLU C 61 15.90 15.75 -7.29
CA GLU C 61 16.15 14.71 -6.31
C GLU C 61 17.60 14.25 -6.39
N GLN C 62 18.15 13.82 -5.26
CA GLN C 62 19.53 13.35 -5.16
C GLN C 62 19.62 12.26 -4.12
N VAL C 63 20.35 11.20 -4.45
CA VAL C 63 20.63 10.12 -3.52
C VAL C 63 22.09 9.75 -3.70
N THR C 64 22.82 9.62 -2.60
CA THR C 64 24.16 9.09 -2.61
C THR C 64 24.20 7.94 -1.63
N ASN C 65 24.71 6.81 -2.07
CA ASN C 65 24.68 5.66 -1.18
C ASN C 65 26.01 4.94 -1.28
N VAL C 66 26.48 4.45 -0.14
CA VAL C 66 27.50 3.43 -0.03
C VAL C 66 27.00 2.54 1.07
N GLY C 67 26.62 1.30 0.79
CA GLY C 67 26.14 0.49 1.89
C GLY C 67 25.43 -0.79 1.50
N GLY C 68 24.24 -1.02 2.05
CA GLY C 68 23.35 0.01 2.56
C GLY C 68 22.12 0.21 1.71
N ALA C 69 21.12 0.91 2.26
CA ALA C 69 19.84 1.05 1.59
C ALA C 69 19.32 2.47 1.73
N VAL C 70 18.66 2.94 0.68
CA VAL C 70 18.00 4.24 0.66
C VAL C 70 16.67 4.06 -0.05
N VAL C 71 15.58 4.43 0.61
CA VAL C 71 14.26 4.35 0.03
C VAL C 71 13.66 5.75 0.06
N THR C 72 13.42 6.30 -1.11
CA THR C 72 12.91 7.64 -1.22
C THR C 72 11.66 7.70 -2.07
N GLY C 73 11.27 6.58 -2.67
CA GLY C 73 10.18 6.58 -3.63
C GLY C 73 8.92 5.96 -3.10
N VAL C 74 7.84 6.29 -3.80
CA VAL C 74 6.51 5.82 -3.45
C VAL C 74 6.45 4.31 -3.66
N THR C 75 5.88 3.61 -2.72
CA THR C 75 5.91 2.15 -2.76
C THR C 75 4.68 1.60 -2.07
N ALA C 76 3.94 0.74 -2.75
CA ALA C 76 2.74 0.16 -2.17
C ALA C 76 2.83 -1.35 -2.34
N VAL C 77 2.76 -2.08 -1.25
CA VAL C 77 2.74 -3.53 -1.32
C VAL C 77 1.48 -3.98 -0.65
N ALA C 78 0.66 -4.72 -1.35
CA ALA C 78 -0.51 -5.35 -0.78
C ALA C 78 -0.35 -6.84 -0.95
N GLN C 79 -0.60 -7.59 0.09
CA GLN C 79 -0.20 -8.98 0.06
C GLN C 79 -1.12 -9.78 0.96
N LYS C 80 -1.37 -11.03 0.61
CA LYS C 80 -2.40 -11.80 1.27
C LYS C 80 -1.89 -13.05 1.96
N THR C 81 -0.86 -13.70 1.44
CA THR C 81 -0.35 -14.90 2.09
C THR C 81 1.07 -15.16 1.61
N VAL C 82 2.01 -15.35 2.53
CA VAL C 82 3.38 -15.68 2.19
C VAL C 82 3.72 -16.97 2.93
N GLU C 83 4.23 -17.95 2.20
CA GLU C 83 4.60 -19.22 2.77
C GLU C 83 5.95 -19.62 2.18
N GLY C 84 6.39 -20.82 2.51
CA GLY C 84 7.61 -21.35 1.92
C GLY C 84 8.85 -20.93 2.68
N ALA C 85 9.91 -21.73 2.51
CA ALA C 85 11.10 -21.57 3.34
C ALA C 85 12.36 -21.73 2.48
N GLY C 86 12.88 -20.62 1.95
CA GLY C 86 12.37 -19.29 2.20
C GLY C 86 12.38 -18.44 0.95
N SER C 87 11.24 -17.85 0.64
CA SER C 87 10.99 -17.23 -0.64
C SER C 87 10.93 -15.71 -0.50
N ILE C 88 11.72 -15.01 -1.31
CA ILE C 88 11.68 -13.56 -1.30
C ILE C 88 10.38 -13.25 -2.04
N ALA C 89 9.37 -12.81 -1.30
CA ALA C 89 8.05 -12.55 -1.87
C ALA C 89 8.04 -11.34 -2.79
N ALA C 90 8.17 -10.14 -2.23
CA ALA C 90 8.14 -8.93 -3.03
C ALA C 90 9.34 -8.05 -2.67
N ALA C 91 10.38 -8.11 -3.51
CA ALA C 91 11.58 -7.33 -3.27
C ALA C 91 11.71 -6.21 -4.30
N THR C 92 11.92 -5.00 -3.84
CA THR C 92 12.08 -3.91 -4.80
C THR C 92 13.55 -3.60 -5.07
N GLY C 93 14.30 -3.21 -4.07
CA GLY C 93 15.72 -3.01 -4.24
C GLY C 93 16.42 -3.91 -3.26
N PHE C 94 17.25 -4.81 -3.74
CA PHE C 94 17.60 -5.95 -2.92
C PHE C 94 19.01 -6.34 -3.27
N VAL C 95 19.75 -6.80 -2.27
CA VAL C 95 21.14 -7.23 -2.42
C VAL C 95 21.42 -8.28 -1.36
N LYS C 96 21.80 -9.48 -1.79
CA LYS C 96 22.11 -10.56 -0.87
C LYS C 96 23.48 -11.15 -1.15
N LYS C 97 24.43 -10.89 -0.25
CA LYS C 97 25.78 -11.39 -0.41
C LYS C 97 26.23 -12.24 0.77
N ASP C 98 25.43 -13.25 1.10
CA ASP C 98 25.75 -14.14 2.21
C ASP C 98 27.06 -14.89 1.94
N GLN C 99 27.84 -15.11 2.99
CA GLN C 99 29.11 -15.81 2.86
C GLN C 99 29.12 -17.09 3.68
N LYS D 45 35.29 24.05 -18.53
CA LYS D 45 35.29 23.46 -17.20
C LYS D 45 36.25 22.28 -17.14
N LYS D 46 36.55 21.82 -15.93
CA LYS D 46 37.50 20.74 -15.73
C LYS D 46 36.99 19.83 -14.63
N GLY D 47 37.15 18.52 -14.82
CA GLY D 47 36.76 17.56 -13.82
C GLY D 47 37.60 16.31 -13.86
N VAL D 48 38.04 15.84 -12.70
CA VAL D 48 38.78 14.58 -12.58
C VAL D 48 38.13 13.78 -11.47
N VAL D 49 37.71 12.55 -11.76
CA VAL D 49 37.05 11.74 -10.75
C VAL D 49 37.81 10.43 -10.60
N HIS D 50 37.66 9.79 -9.45
CA HIS D 50 38.06 8.41 -9.28
C HIS D 50 36.89 7.45 -9.45
N GLY D 51 35.68 7.94 -9.32
CA GLY D 51 34.58 7.02 -9.41
C GLY D 51 34.24 6.42 -8.07
N VAL D 52 32.94 6.33 -7.79
CA VAL D 52 31.91 6.59 -8.78
C VAL D 52 31.33 8.02 -8.63
N ALA D 53 31.43 8.82 -9.67
CA ALA D 53 30.83 10.13 -9.61
C ALA D 53 29.51 10.16 -10.36
N THR D 54 28.81 11.29 -10.27
CA THR D 54 27.67 11.60 -11.14
C THR D 54 27.55 13.11 -11.17
N VAL D 55 28.04 13.72 -12.23
CA VAL D 55 28.20 15.17 -12.28
C VAL D 55 27.29 15.69 -13.37
N ALA D 56 26.63 16.82 -13.13
CA ALA D 56 25.55 17.22 -14.01
C ALA D 56 25.21 18.69 -13.81
N GLU D 57 24.23 19.14 -14.60
CA GLU D 57 23.57 20.42 -14.43
C GLU D 57 22.15 20.27 -14.93
N LYS D 58 21.22 21.03 -14.30
CA LYS D 58 19.81 21.13 -14.72
C LYS D 58 19.11 19.77 -14.73
N THR D 59 19.34 19.00 -13.67
CA THR D 59 19.09 17.58 -13.70
C THR D 59 17.98 17.15 -12.79
N LYS D 60 16.95 16.50 -13.31
CA LYS D 60 15.79 16.26 -12.45
C LYS D 60 16.03 15.16 -11.43
N GLU D 61 16.68 14.06 -11.79
CA GLU D 61 16.90 13.01 -10.81
C GLU D 61 18.33 12.51 -10.88
N GLN D 62 18.86 12.07 -9.74
CA GLN D 62 20.22 11.56 -9.62
C GLN D 62 20.29 10.46 -8.60
N VAL D 63 20.99 9.39 -8.92
CA VAL D 63 21.23 8.30 -7.99
C VAL D 63 22.68 7.89 -8.16
N THR D 64 23.40 7.74 -7.05
CA THR D 64 24.73 7.17 -7.06
C THR D 64 24.74 6.02 -6.09
N ASN D 65 25.22 4.87 -6.51
CA ASN D 65 25.15 3.72 -5.63
C ASN D 65 26.46 2.97 -5.73
N VAL D 66 26.91 2.46 -4.59
CA VAL D 66 27.91 1.42 -4.47
C VAL D 66 27.38 0.54 -3.36
N GLY D 67 26.97 -0.68 -3.65
CA GLY D 67 26.45 -1.50 -2.56
C GLY D 67 25.71 -2.74 -2.96
N GLY D 68 24.51 -2.94 -2.42
CA GLY D 68 23.64 -1.90 -1.92
C GLY D 68 22.41 -1.65 -2.77
N ALA D 69 21.44 -0.94 -2.23
CA ALA D 69 20.17 -0.76 -2.90
C ALA D 69 19.69 0.68 -2.77
N VAL D 70 19.04 1.16 -3.82
CA VAL D 70 18.42 2.47 -3.84
C VAL D 70 17.09 2.33 -4.56
N VAL D 71 16.01 2.74 -3.91
CA VAL D 71 14.68 2.69 -4.50
C VAL D 71 14.13 4.10 -4.48
N THR D 72 13.90 4.67 -5.64
CA THR D 72 13.43 6.02 -5.76
C THR D 72 12.19 6.10 -6.62
N GLY D 73 11.77 5.01 -7.22
CA GLY D 73 10.71 5.03 -8.18
C GLY D 73 9.41 4.44 -7.67
N VAL D 74 8.34 4.81 -8.36
CA VAL D 74 7.01 4.37 -8.04
C VAL D 74 6.91 2.87 -8.26
N THR D 75 6.31 2.17 -7.30
CA THR D 75 6.30 0.71 -7.36
C THR D 75 5.04 0.20 -6.68
N ALA D 76 4.30 -0.65 -7.36
CA ALA D 76 3.08 -1.20 -6.79
C ALA D 76 3.12 -2.70 -6.96
N VAL D 77 3.04 -3.43 -5.88
CA VAL D 77 2.97 -4.88 -5.94
C VAL D 77 1.69 -5.30 -5.28
N ALA D 78 0.87 -6.03 -6.00
CA ALA D 78 -0.33 -6.62 -5.43
C ALA D 78 -0.21 -8.11 -5.61
N GLN D 79 -0.49 -8.87 -4.57
CA GLN D 79 -0.11 -10.26 -4.60
C GLN D 79 -1.07 -11.03 -3.71
N LYS D 80 -1.34 -12.27 -4.07
CA LYS D 80 -2.40 -13.02 -3.42
C LYS D 80 -1.93 -14.28 -2.71
N THR D 81 -0.90 -14.96 -3.22
CA THR D 81 -0.43 -16.17 -2.57
C THR D 81 0.97 -16.47 -3.05
N VAL D 82 1.90 -16.68 -2.12
CA VAL D 82 3.28 -17.05 -2.45
C VAL D 82 3.57 -18.35 -1.72
N GLU D 83 4.05 -19.34 -2.45
CA GLU D 83 4.39 -20.63 -1.88
C GLU D 83 5.74 -21.05 -2.44
N GLY D 84 6.15 -22.27 -2.12
CA GLY D 84 7.35 -22.84 -2.70
C GLY D 84 8.60 -22.45 -1.94
N ALA D 85 9.64 -23.27 -2.09
CA ALA D 85 10.83 -23.14 -1.26
C ALA D 85 12.08 -23.34 -2.12
N GLY D 86 12.64 -22.24 -2.64
CA GLY D 86 12.17 -20.89 -2.39
C GLY D 86 12.21 -20.05 -3.64
N SER D 87 11.09 -19.43 -3.94
CA SER D 87 10.86 -18.79 -5.23
C SER D 87 10.84 -17.28 -5.08
N ILE D 88 11.65 -16.60 -5.88
CA ILE D 88 11.65 -15.14 -5.88
C ILE D 88 10.36 -14.80 -6.63
N ALA D 89 9.36 -14.33 -5.90
CA ALA D 89 8.05 -14.04 -6.47
C ALA D 89 8.08 -12.82 -7.40
N ALA D 90 8.23 -11.64 -6.82
CA ALA D 90 8.25 -10.42 -7.63
C ALA D 90 9.46 -9.58 -7.27
N ALA D 91 10.50 -9.65 -8.09
CA ALA D 91 11.72 -8.91 -7.85
C ALA D 91 11.90 -7.80 -8.86
N THR D 92 12.13 -6.58 -8.41
CA THR D 92 12.33 -5.50 -9.36
C THR D 92 13.79 -5.24 -9.63
N GLY D 93 14.55 -4.85 -8.61
CA GLY D 93 15.98 -4.70 -8.77
C GLY D 93 16.65 -5.62 -7.79
N PHE D 94 17.47 -6.54 -8.26
CA PHE D 94 17.78 -7.68 -7.45
C PHE D 94 19.19 -8.12 -7.79
N VAL D 95 19.90 -8.60 -6.78
CA VAL D 95 21.28 -9.07 -6.92
C VAL D 95 21.53 -10.13 -5.86
N LYS D 96 21.88 -11.33 -6.30
CA LYS D 96 22.14 -12.42 -5.36
C LYS D 96 23.50 -13.04 -5.64
N LYS D 97 24.45 -12.81 -4.74
CA LYS D 97 25.79 -13.35 -4.89
C LYS D 97 26.21 -14.21 -3.71
N ASP D 98 25.39 -15.20 -3.38
CA ASP D 98 25.68 -16.10 -2.27
C ASP D 98 26.95 -16.89 -2.54
N GLN D 99 27.73 -17.12 -1.49
CA GLN D 99 28.98 -17.86 -1.60
C GLN D 99 28.95 -19.14 -0.78
N LYS E 45 -32.66 -31.01 -0.48
CA LYS E 45 -32.85 -29.82 0.35
C LYS E 45 -33.81 -28.86 -0.33
N LYS E 46 -34.28 -27.88 0.44
CA LYS E 46 -35.24 -26.92 -0.06
C LYS E 46 -34.88 -25.54 0.48
N GLY E 47 -35.03 -24.52 -0.38
CA GLY E 47 -34.80 -23.16 0.03
C GLY E 47 -35.63 -22.17 -0.75
N VAL E 48 -36.22 -21.21 -0.06
CA VAL E 48 -36.97 -20.12 -0.68
C VAL E 48 -36.49 -18.82 -0.07
N VAL E 49 -36.05 -17.88 -0.90
CA VAL E 49 -35.52 -16.63 -0.38
C VAL E 49 -36.31 -15.49 -1.02
N HIS E 50 -36.31 -14.34 -0.34
CA HIS E 50 -36.75 -13.10 -0.96
C HIS E 50 -35.57 -12.28 -1.46
N GLY E 51 -34.38 -12.55 -0.95
CA GLY E 51 -33.28 -11.71 -1.38
C GLY E 51 -33.13 -10.49 -0.50
N VAL E 52 -31.88 -10.18 -0.16
CA VAL E 52 -30.73 -10.82 -0.75
C VAL E 52 -30.18 -11.92 0.17
N ALA E 53 -30.12 -13.14 -0.32
CA ALA E 53 -29.53 -14.22 0.48
C ALA E 53 -28.12 -14.51 0.00
N THR E 54 -27.44 -15.38 0.75
CA THR E 54 -26.19 -16.00 0.30
C THR E 54 -26.05 -17.31 1.06
N VAL E 55 -26.39 -18.41 0.42
CA VAL E 55 -26.54 -19.69 1.10
C VAL E 55 -25.48 -20.63 0.54
N ALA E 56 -24.85 -21.41 1.41
CA ALA E 56 -23.66 -22.13 0.99
C ALA E 56 -23.34 -23.26 1.94
N GLU E 57 -22.27 -23.98 1.62
CA GLU E 57 -21.63 -24.93 2.50
C GLU E 57 -20.15 -24.96 2.17
N LYS E 58 -19.31 -25.22 3.18
CA LYS E 58 -17.85 -25.42 3.04
C LYS E 58 -17.18 -24.21 2.43
N THR E 59 -17.54 -23.03 2.91
CA THR E 59 -17.31 -21.80 2.17
C THR E 59 -16.33 -20.88 2.87
N LYS E 60 -15.24 -20.52 2.20
CA LYS E 60 -14.21 -19.79 2.94
C LYS E 60 -14.60 -18.34 3.23
N GLU E 61 -15.19 -17.63 2.28
CA GLU E 61 -15.55 -16.23 2.55
C GLU E 61 -16.96 -15.96 2.06
N GLN E 62 -17.65 -15.04 2.75
CA GLN E 62 -19.02 -14.65 2.43
C GLN E 62 -19.21 -13.19 2.74
N VAL E 63 -19.87 -12.48 1.83
CA VAL E 63 -20.26 -11.09 2.03
C VAL E 63 -21.68 -10.94 1.51
N THR E 64 -22.52 -10.30 2.29
CA THR E 64 -23.85 -9.91 1.84
C THR E 64 -23.99 -8.43 2.08
N ASN E 65 -24.41 -7.70 1.07
CA ASN E 65 -24.48 -6.26 1.24
C ASN E 65 -25.77 -5.77 0.62
N VAL E 66 -26.37 -4.78 1.28
CA VAL E 66 -27.38 -3.90 0.73
C VAL E 66 -27.02 -2.55 1.27
N GLY E 67 -26.57 -1.61 0.45
CA GLY E 67 -26.21 -0.32 1.02
C GLY E 67 -25.43 0.60 0.12
N GLY E 68 -24.32 1.14 0.62
CA GLY E 68 -23.53 0.57 1.69
C GLY E 68 -22.19 0.01 1.23
N ALA E 69 -21.29 -0.25 2.17
CA ALA E 69 -19.94 -0.66 1.83
C ALA E 69 -19.49 -1.79 2.74
N VAL E 70 -18.70 -2.69 2.17
CA VAL E 70 -18.07 -3.78 2.90
C VAL E 70 -16.65 -3.93 2.37
N VAL E 71 -15.67 -3.85 3.25
CA VAL E 71 -14.28 -4.02 2.87
C VAL E 71 -13.72 -5.17 3.68
N THR E 72 -13.35 -6.24 3.01
CA THR E 72 -12.85 -7.42 3.67
C THR E 72 -11.50 -7.84 3.12
N GLY E 73 -11.01 -7.17 2.09
CA GLY E 73 -9.81 -7.60 1.41
C GLY E 73 -8.61 -6.74 1.70
N VAL E 74 -7.45 -7.33 1.42
CA VAL E 74 -6.17 -6.68 1.61
C VAL E 74 -6.05 -5.50 0.68
N THR E 75 -5.59 -4.37 1.19
CA THR E 75 -5.58 -3.15 0.41
C THR E 75 -4.44 -2.27 0.86
N ALA E 76 -3.60 -1.83 -0.06
CA ALA E 76 -2.49 -0.97 0.27
C ALA E 76 -2.51 0.22 -0.64
N VAL E 77 -2.58 1.40 -0.08
CA VAL E 77 -2.52 2.61 -0.88
C VAL E 77 -1.34 3.41 -0.39
N ALA E 78 -0.43 3.74 -1.27
CA ALA E 78 0.67 4.61 -0.95
C ALA E 78 0.57 5.79 -1.88
N GLN E 79 0.71 7.00 -1.35
CA GLN E 79 0.34 8.14 -2.13
C GLN E 79 1.15 9.34 -1.66
N LYS E 80 1.47 10.24 -2.58
CA LYS E 80 2.43 11.29 -2.28
C LYS E 80 1.86 12.69 -2.39
N THR E 81 0.91 12.94 -3.28
CA THR E 81 0.34 14.28 -3.41
C THR E 81 -0.99 14.19 -4.13
N VAL E 82 -2.03 14.77 -3.56
CA VAL E 82 -3.34 14.82 -4.18
C VAL E 82 -3.76 16.28 -4.26
N GLU E 83 -4.13 16.73 -5.45
CA GLU E 83 -4.55 18.10 -5.66
C GLU E 83 -5.81 18.07 -6.52
N GLY E 84 -6.26 19.25 -6.91
CA GLY E 84 -7.37 19.35 -7.84
C GLY E 84 -8.72 19.31 -7.13
N ALA E 85 -9.73 19.86 -7.81
CA ALA E 85 -11.03 20.09 -7.17
C ALA E 85 -12.14 19.72 -8.15
N GLY E 86 -12.62 18.48 -8.08
CA GLY E 86 -12.18 17.48 -7.13
C GLY E 86 -12.04 16.13 -7.77
N SER E 87 -10.89 15.52 -7.58
CA SER E 87 -10.49 14.34 -8.32
C SER E 87 -10.48 13.12 -7.42
N ILE E 88 -11.17 12.06 -7.84
CA ILE E 88 -11.15 10.81 -7.09
C ILE E 88 -9.79 10.23 -7.41
N ALA E 89 -8.89 10.28 -6.42
CA ALA E 89 -7.51 9.84 -6.61
C ALA E 89 -7.41 8.32 -6.77
N ALA E 90 -7.63 7.58 -5.70
CA ALA E 90 -7.54 6.13 -5.76
C ALA E 90 -8.78 5.50 -5.16
N ALA E 91 -9.70 5.06 -6.02
CA ALA E 91 -10.94 4.47 -5.57
C ALA E 91 -10.96 2.98 -5.89
N THR E 92 -11.26 2.14 -4.91
CA THR E 92 -11.31 0.72 -5.18
C THR E 92 -12.73 0.25 -5.44
N GLY E 93 -13.61 0.39 -4.47
CA GLY E 93 -15.00 0.06 -4.69
C GLY E 93 -15.80 1.30 -4.41
N PHE E 94 -16.56 1.78 -5.37
CA PHE E 94 -16.98 3.16 -5.30
C PHE E 94 -18.33 3.25 -5.98
N VAL E 95 -19.18 4.13 -5.46
CA VAL E 95 -20.52 4.35 -5.98
C VAL E 95 -20.93 5.78 -5.64
N LYS E 96 -21.22 6.57 -6.67
CA LYS E 96 -21.62 7.95 -6.47
C LYS E 96 -22.93 8.24 -7.18
N LYS E 97 -23.99 8.45 -6.41
CA LYS E 97 -25.31 8.72 -6.97
C LYS E 97 -25.89 10.03 -6.46
N ASP E 98 -25.11 11.11 -6.59
CA ASP E 98 -25.56 12.42 -6.14
C ASP E 98 -26.79 12.86 -6.91
N GLN E 99 -27.70 13.55 -6.23
CA GLN E 99 -28.93 14.02 -6.85
C GLN E 99 -29.02 15.54 -6.81
N LYS F 45 31.79 30.48 -5.63
CA LYS F 45 31.87 29.90 -4.29
C LYS F 45 32.93 28.81 -4.25
N LYS F 46 33.29 28.39 -3.04
CA LYS F 46 34.32 27.39 -2.86
C LYS F 46 33.91 26.45 -1.73
N GLY F 47 34.18 25.16 -1.92
CA GLY F 47 33.88 24.18 -0.90
C GLY F 47 34.82 22.99 -0.95
N VAL F 48 35.33 22.57 0.21
CA VAL F 48 36.15 21.37 0.32
C VAL F 48 35.59 20.55 1.46
N VAL F 49 35.28 19.28 1.18
CA VAL F 49 34.70 18.43 2.21
C VAL F 49 35.56 17.19 2.36
N HIS F 50 35.49 16.55 3.52
CA HIS F 50 36.01 15.20 3.69
C HIS F 50 34.92 14.16 3.55
N GLY F 51 33.67 14.55 3.71
CA GLY F 51 32.64 13.54 3.64
C GLY F 51 32.38 12.93 5.00
N VAL F 52 31.10 12.75 5.31
CA VAL F 52 30.03 12.91 4.34
C VAL F 52 29.35 14.28 4.49
N ALA F 53 29.35 15.08 3.44
CA ALA F 53 28.66 16.35 3.50
C ALA F 53 27.32 16.25 2.79
N THR F 54 26.54 17.32 2.88
CA THR F 54 25.36 17.54 2.04
C THR F 54 25.12 19.03 2.00
N VAL F 55 25.54 19.68 0.92
CA VAL F 55 25.58 21.13 0.85
C VAL F 55 24.60 21.57 -0.22
N ALA F 56 23.86 22.64 0.03
CA ALA F 56 22.73 22.95 -0.83
C ALA F 56 22.28 24.38 -0.64
N GLU F 57 21.26 24.75 -1.41
CA GLU F 57 20.50 25.96 -1.24
C GLU F 57 19.08 25.71 -1.70
N LYS F 58 18.10 26.38 -1.07
CA LYS F 58 16.69 26.37 -1.46
C LYS F 58 16.10 24.97 -1.42
N THR F 59 16.41 24.23 -0.37
CA THR F 59 16.28 22.79 -0.39
C THR F 59 15.21 22.28 0.57
N LYS F 60 14.24 21.54 0.06
CA LYS F 60 13.12 21.23 0.94
C LYS F 60 13.46 20.16 1.98
N GLU F 61 14.20 19.11 1.62
CA GLU F 61 14.51 18.09 2.60
C GLU F 61 15.98 17.70 2.49
N GLN F 62 16.57 17.32 3.63
CA GLN F 62 17.97 16.93 3.72
C GLN F 62 18.14 15.85 4.75
N VAL F 63 18.91 14.83 4.42
CA VAL F 63 19.28 13.76 5.35
C VAL F 63 20.75 13.47 5.15
N THR F 64 21.50 13.40 6.24
CA THR F 64 22.87 12.93 6.22
C THR F 64 22.98 11.80 7.20
N ASN F 65 23.55 10.69 6.77
CA ASN F 65 23.59 9.55 7.68
C ASN F 65 24.95 8.90 7.55
N VAL F 66 25.46 8.44 8.68
CA VAL F 66 26.54 7.48 8.79
C VAL F 66 26.11 6.57 9.90
N GLY F 67 25.79 5.32 9.65
CA GLY F 67 25.37 4.49 10.75
C GLY F 67 24.73 3.17 10.38
N GLY F 68 23.56 2.88 10.95
CA GLY F 68 22.62 3.86 11.46
C GLY F 68 21.36 4.00 10.63
N ALA F 69 20.34 4.64 11.19
CA ALA F 69 19.04 4.71 10.55
C ALA F 69 18.45 6.10 10.67
N VAL F 70 17.75 6.52 9.63
CA VAL F 70 17.03 7.78 9.61
C VAL F 70 15.70 7.53 8.93
N VAL F 71 14.60 7.84 9.60
CA VAL F 71 13.27 7.69 9.04
C VAL F 71 12.60 9.05 9.06
N THR F 72 12.31 9.59 7.89
CA THR F 72 11.73 10.90 7.79
C THR F 72 10.46 10.88 6.95
N GLY F 73 10.13 9.74 6.37
CA GLY F 73 9.03 9.66 5.43
C GLY F 73 7.80 8.99 5.98
N VAL F 74 6.70 9.26 5.30
CA VAL F 74 5.40 8.72 5.66
C VAL F 74 5.42 7.22 5.47
N THR F 75 4.91 6.47 6.43
CA THR F 75 5.00 5.02 6.39
C THR F 75 3.82 4.42 7.10
N ALA F 76 3.12 3.51 6.45
CA ALA F 76 1.98 2.86 7.04
C ALA F 76 2.12 1.38 6.89
N VAL F 77 2.12 0.65 7.97
CA VAL F 77 2.17 -0.80 7.92
C VAL F 77 0.95 -1.31 8.63
N ALA F 78 0.16 -2.11 7.93
CA ALA F 78 -0.97 -2.78 8.53
C ALA F 78 -0.74 -4.27 8.36
N GLN F 79 -0.93 -5.03 9.41
CA GLN F 79 -0.45 -6.39 9.39
C GLN F 79 -1.32 -7.23 10.31
N LYS F 80 -1.50 -8.50 9.96
CA LYS F 80 -2.48 -9.32 10.64
C LYS F 80 -1.89 -10.53 11.34
N THR F 81 -0.83 -11.13 10.82
CA THR F 81 -0.24 -12.30 11.47
C THR F 81 1.17 -12.48 10.96
N VAL F 82 2.13 -12.61 11.86
CA VAL F 82 3.51 -12.88 11.51
C VAL F 82 3.94 -14.13 12.24
N GLU F 83 4.48 -15.09 11.52
CA GLU F 83 4.93 -16.34 12.09
C GLU F 83 6.29 -16.67 11.50
N GLY F 84 6.81 -17.84 11.82
CA GLY F 84 8.03 -18.31 11.21
C GLY F 84 9.27 -17.83 11.95
N ALA F 85 10.36 -18.56 11.78
CA ALA F 85 11.56 -18.33 12.59
C ALA F 85 12.81 -18.43 11.70
N GLY F 86 13.26 -17.30 11.17
CA GLY F 86 12.69 -16.00 11.41
C GLY F 86 12.63 -15.17 10.15
N SER F 87 11.46 -14.63 9.87
CA SER F 87 11.16 -14.03 8.58
C SER F 87 11.02 -12.53 8.71
N ILE F 88 11.76 -11.79 7.89
CA ILE F 88 11.64 -10.34 7.88
C ILE F 88 10.32 -10.11 7.16
N ALA F 89 9.29 -9.71 7.90
CA ALA F 89 7.95 -9.53 7.36
C ALA F 89 7.86 -8.33 6.42
N ALA F 90 7.93 -7.12 6.99
CA ALA F 90 7.83 -5.92 6.17
C ALA F 90 8.99 -4.98 6.50
N ALA F 91 10.01 -4.98 5.65
CA ALA F 91 11.17 -4.14 5.86
C ALA F 91 11.23 -3.03 4.83
N THR F 92 11.38 -1.80 5.27
CA THR F 92 11.47 -0.71 4.31
C THR F 92 12.91 -0.33 4.00
N GLY F 93 13.65 0.12 5.00
CA GLY F 93 15.06 0.39 4.80
C GLY F 93 15.82 -0.47 5.78
N PHE F 94 16.70 -1.33 5.30
CA PHE F 94 17.12 -2.43 6.12
C PHE F 94 18.55 -2.76 5.75
N VAL F 95 19.33 -3.17 6.74
CA VAL F 95 20.73 -3.52 6.57
C VAL F 95 21.09 -4.55 7.64
N LYS F 96 21.52 -5.72 7.20
CA LYS F 96 21.89 -6.78 8.14
C LYS F 96 23.29 -7.30 7.84
N LYS F 97 24.24 -6.98 8.72
CA LYS F 97 25.62 -7.42 8.53
C LYS F 97 26.13 -8.23 9.72
N ASP F 98 25.39 -9.28 10.07
CA ASP F 98 25.77 -10.14 11.18
C ASP F 98 27.11 -10.83 10.89
N GLN F 99 27.92 -10.99 11.94
CA GLN F 99 29.23 -11.62 11.79
C GLN F 99 29.31 -12.89 12.62
N LYS G 45 33.06 28.35 -9.86
CA LYS G 45 33.11 27.77 -8.53
C LYS G 45 34.13 26.65 -8.49
N LYS G 46 34.47 26.21 -7.29
CA LYS G 46 35.48 25.18 -7.10
C LYS G 46 35.03 24.24 -5.97
N GLY G 47 35.26 22.96 -6.17
CA GLY G 47 34.94 21.97 -5.16
C GLY G 47 35.84 20.77 -5.21
N VAL G 48 36.32 20.33 -4.05
CA VAL G 48 37.12 19.11 -3.94
C VAL G 48 36.53 18.27 -2.81
N VAL G 49 36.18 17.03 -3.09
CA VAL G 49 35.57 16.19 -2.08
C VAL G 49 36.41 14.92 -1.94
N HIS G 50 36.31 14.28 -0.78
CA HIS G 50 36.78 12.92 -0.62
C HIS G 50 35.66 11.90 -0.77
N GLY G 51 34.43 12.33 -0.61
CA GLY G 51 33.37 11.35 -0.69
C GLY G 51 33.08 10.73 0.67
N VAL G 52 31.79 10.59 0.96
CA VAL G 52 30.74 10.78 -0.02
C VAL G 52 30.10 12.17 0.14
N ALA G 53 30.13 12.98 -0.91
CA ALA G 53 29.46 14.26 -0.84
C ALA G 53 28.14 14.20 -1.57
N THR G 54 27.39 15.31 -1.47
CA THR G 54 26.21 15.54 -2.32
C THR G 54 26.02 17.06 -2.35
N VAL G 55 26.46 17.69 -3.43
CA VAL G 55 26.54 19.14 -3.48
C VAL G 55 25.58 19.61 -4.56
N ALA G 56 24.86 20.70 -4.31
CA ALA G 56 23.75 21.04 -5.18
C ALA G 56 23.34 22.49 -4.99
N GLU G 57 22.34 22.89 -5.76
CA GLU G 57 21.60 24.13 -5.58
C GLU G 57 20.18 23.91 -6.06
N LYS G 58 19.22 24.61 -5.43
CA LYS G 58 17.81 24.64 -5.83
C LYS G 58 17.18 23.25 -5.81
N THR G 59 17.46 22.50 -4.76
CA THR G 59 17.29 21.06 -4.79
C THR G 59 16.21 20.57 -3.84
N LYS G 60 15.22 19.86 -4.36
CA LYS G 60 14.08 19.58 -3.48
C LYS G 60 14.40 18.50 -2.46
N GLU G 61 15.10 17.42 -2.82
CA GLU G 61 15.39 16.39 -1.83
C GLU G 61 16.84 15.97 -1.93
N GLN G 62 17.41 15.56 -0.80
CA GLN G 62 18.80 15.12 -0.69
C GLN G 62 18.92 14.04 0.33
N VAL G 63 19.68 13.00 0.00
CA VAL G 63 20.00 11.93 0.93
C VAL G 63 21.47 11.60 0.74
N THR G 64 22.21 11.48 1.83
CA THR G 64 23.56 10.99 1.81
C THR G 64 23.65 9.85 2.79
N ASN G 65 24.18 8.73 2.36
CA ASN G 65 24.19 7.58 3.25
C ASN G 65 25.54 6.90 3.14
N VAL G 66 26.03 6.42 4.27
CA VAL G 66 27.08 5.43 4.38
C VAL G 66 26.61 4.52 5.48
N GLY G 67 26.26 3.28 5.21
CA GLY G 67 25.80 2.45 6.31
C GLY G 67 25.13 1.16 5.93
N GLY G 68 23.96 0.90 6.49
CA GLY G 68 23.03 1.90 7.00
C GLY G 68 21.79 2.07 6.17
N ALA G 69 20.78 2.74 6.72
CA ALA G 69 19.48 2.85 6.06
C ALA G 69 18.94 4.26 6.20
N VAL G 70 18.26 4.71 5.16
CA VAL G 70 17.56 5.99 5.14
C VAL G 70 16.24 5.77 4.44
N VAL G 71 15.14 6.11 5.11
CA VAL G 71 13.81 6.00 4.54
C VAL G 71 13.18 7.37 4.56
N THR G 72 12.92 7.93 3.39
CA THR G 72 12.37 9.26 3.30
C THR G 72 11.11 9.27 2.45
N GLY G 73 10.75 8.15 1.85
CA GLY G 73 9.66 8.11 0.91
C GLY G 73 8.41 7.46 1.44
N VAL G 74 7.31 7.77 0.76
CA VAL G 74 6.01 7.25 1.11
C VAL G 74 5.98 5.75 0.91
N THR G 75 5.43 5.02 1.86
CA THR G 75 5.50 3.57 1.81
C THR G 75 4.29 2.99 2.51
N ALA G 76 3.57 2.11 1.85
CA ALA G 76 2.39 1.49 2.44
C ALA G 76 2.52 0.00 2.26
N VAL G 77 2.49 -0.73 3.36
CA VAL G 77 2.50 -2.18 3.29
C VAL G 77 1.25 -2.67 3.98
N ALA G 78 0.45 -3.45 3.28
CA ALA G 78 -0.70 -4.09 3.86
C ALA G 78 -0.51 -5.58 3.69
N GLN G 79 -0.73 -6.34 4.74
CA GLN G 79 -0.29 -7.71 4.70
C GLN G 79 -1.18 -8.53 5.61
N LYS G 80 -1.40 -9.80 5.25
CA LYS G 80 -2.41 -10.59 5.93
C LYS G 80 -1.85 -11.82 6.63
N THR G 81 -0.81 -12.45 6.10
CA THR G 81 -0.26 -13.63 6.75
C THR G 81 1.15 -13.86 6.26
N VAL G 82 2.11 -14.01 7.17
CA VAL G 82 3.48 -14.31 6.82
C VAL G 82 3.86 -15.58 7.55
N GLU G 83 4.38 -16.55 6.82
CA GLU G 83 4.80 -17.82 7.40
C GLU G 83 6.16 -18.17 6.80
N GLY G 84 6.64 -19.37 7.12
CA GLY G 84 7.85 -19.87 6.53
C GLY G 84 9.09 -19.42 7.28
N ALA G 85 10.17 -20.18 7.10
CA ALA G 85 11.38 -19.99 7.92
C ALA G 85 12.62 -20.12 7.05
N GLY G 86 13.11 -19.00 6.52
CA GLY G 86 12.57 -17.67 6.76
C GLY G 86 12.55 -16.84 5.51
N SER G 87 11.39 -16.27 5.22
CA SER G 87 11.12 -15.66 3.94
C SER G 87 11.01 -14.14 4.07
N ILE G 88 11.78 -13.42 3.26
CA ILE G 88 11.70 -11.97 3.26
C ILE G 88 10.39 -11.70 2.53
N ALA G 89 9.37 -11.28 3.27
CA ALA G 89 8.04 -11.06 2.72
C ALA G 89 8.00 -9.85 1.79
N ALA G 90 8.09 -8.65 2.36
CA ALA G 90 8.03 -7.44 1.55
C ALA G 90 9.21 -6.54 1.89
N ALA G 91 10.23 -6.57 1.05
CA ALA G 91 11.42 -5.76 1.27
C ALA G 91 11.51 -4.64 0.25
N THR G 92 11.70 -3.42 0.70
CA THR G 92 11.82 -2.33 -0.25
C THR G 92 13.27 -1.99 -0.55
N GLY G 93 14.01 -1.56 0.45
CA GLY G 93 15.43 -1.33 0.27
C GLY G 93 16.16 -2.22 1.24
N PHE G 94 17.02 -3.09 0.76
CA PHE G 94 17.40 -4.21 1.58
C PHE G 94 18.82 -4.57 1.22
N VAL G 95 19.58 -5.02 2.22
CA VAL G 95 20.97 -5.41 2.06
C VAL G 95 21.30 -6.44 3.11
N LYS G 96 21.70 -7.63 2.68
CA LYS G 96 22.04 -8.71 3.62
C LYS G 96 23.43 -9.24 3.32
N LYS G 97 24.38 -8.96 4.20
CA LYS G 97 25.75 -9.44 4.04
C LYS G 97 26.23 -10.28 5.22
N ASP G 98 25.45 -11.30 5.56
CA ASP G 98 25.81 -12.18 6.66
C ASP G 98 27.12 -12.90 6.38
N GLN G 99 27.93 -13.08 7.42
CA GLN G 99 29.21 -13.76 7.29
C GLN G 99 29.27 -15.03 8.12
N LYS H 45 30.65 32.54 -1.37
CA LYS H 45 30.75 31.97 -0.03
C LYS H 45 31.83 30.90 0.00
N LYS H 46 32.21 30.50 1.21
CA LYS H 46 33.27 29.53 1.39
C LYS H 46 32.88 28.58 2.52
N GLY H 47 33.18 27.30 2.34
CA GLY H 47 32.93 26.31 3.36
C GLY H 47 33.90 25.16 3.30
N VAL H 48 34.41 24.75 4.46
CA VAL H 48 35.27 23.57 4.58
C VAL H 48 34.75 22.73 5.71
N VAL H 49 34.46 21.46 5.45
CA VAL H 49 33.90 20.60 6.48
C VAL H 49 34.81 19.37 6.62
N HIS H 50 34.75 18.75 7.79
CA HIS H 50 35.31 17.41 7.96
C HIS H 50 34.24 16.33 7.83
N GLY H 51 32.99 16.70 7.99
CA GLY H 51 31.99 15.67 7.94
C GLY H 51 31.75 15.04 9.30
N VAL H 52 30.48 14.84 9.62
CA VAL H 52 29.40 14.96 8.65
C VAL H 52 28.68 16.32 8.81
N ALA H 53 28.66 17.11 7.76
CA ALA H 53 27.92 18.36 7.82
C ALA H 53 26.59 18.23 7.10
N THR H 54 25.79 19.28 7.21
CA THR H 54 24.59 19.46 6.38
C THR H 54 24.31 20.95 6.32
N VAL H 55 24.71 21.60 5.24
CA VAL H 55 24.71 23.05 5.18
C VAL H 55 23.72 23.46 4.10
N ALA H 56 22.95 24.52 4.36
CA ALA H 56 21.80 24.79 3.51
C ALA H 56 21.32 26.21 3.68
N GLU H 57 20.29 26.55 2.93
CA GLU H 57 19.50 27.75 3.11
C GLU H 57 18.07 27.46 2.64
N LYS H 58 17.09 28.10 3.28
CA LYS H 58 15.67 28.06 2.90
C LYS H 58 15.11 26.64 2.95
N THR H 59 15.46 25.91 3.99
CA THR H 59 15.36 24.47 3.98
C THR H 59 14.32 23.93 4.94
N LYS H 60 13.35 23.17 4.44
CA LYS H 60 12.25 22.83 5.34
C LYS H 60 12.64 21.77 6.37
N GLU H 61 13.39 20.75 6.00
CA GLU H 61 13.75 19.73 7.00
C GLU H 61 15.22 19.38 6.88
N GLN H 62 15.83 19.02 8.01
CA GLN H 62 17.23 18.66 8.10
C GLN H 62 17.44 17.59 9.14
N VAL H 63 18.23 16.59 8.80
CA VAL H 63 18.63 15.54 9.73
C VAL H 63 20.11 15.29 9.52
N THR H 64 20.86 15.23 10.61
CA THR H 64 22.25 14.81 10.57
C THR H 64 22.40 13.68 11.56
N ASN H 65 22.99 12.58 11.14
CA ASN H 65 23.06 11.44 12.03
C ASN H 65 24.44 10.83 11.90
N VAL H 66 24.98 10.39 13.04
CA VAL H 66 26.08 9.46 13.13
C VAL H 66 25.68 8.54 14.27
N GLY H 67 25.39 7.28 14.00
CA GLY H 67 24.99 6.44 15.11
C GLY H 67 24.38 5.10 14.76
N GLY H 68 23.23 4.78 15.33
CA GLY H 68 22.26 5.75 15.85
C GLY H 68 21.00 5.85 15.02
N ALA H 69 19.96 6.46 15.59
CA ALA H 69 18.66 6.50 14.95
C ALA H 69 18.04 7.87 15.08
N VAL H 70 17.33 8.28 14.04
CA VAL H 70 16.56 9.52 14.03
C VAL H 70 15.24 9.23 13.34
N VAL H 71 14.13 9.52 14.03
CA VAL H 71 12.80 9.33 13.47
C VAL H 71 12.10 10.67 13.50
N THR H 72 11.80 11.19 12.33
CA THR H 72 11.18 12.49 12.22
C THR H 72 9.90 12.43 11.40
N GLY H 73 9.60 11.28 10.81
CA GLY H 73 8.49 11.19 9.89
C GLY H 73 7.30 10.47 10.44
N VAL H 74 6.18 10.71 9.78
CA VAL H 74 4.90 10.13 10.14
C VAL H 74 4.96 8.63 9.95
N THR H 75 4.45 7.89 10.92
CA THR H 75 4.60 6.44 10.89
C THR H 75 3.43 5.81 11.60
N ALA H 76 2.76 4.87 10.95
CA ALA H 76 1.62 4.21 11.56
C ALA H 76 1.81 2.72 11.40
N VAL H 77 1.84 2.00 12.50
CA VAL H 77 1.93 0.55 12.45
C VAL H 77 0.72 0.00 13.16
N ALA H 78 -0.04 -0.82 12.48
CA ALA H 78 -1.16 -1.52 13.07
C ALA H 78 -0.88 -2.99 12.91
N GLN H 79 -1.06 -3.76 13.97
CA GLN H 79 -0.54 -5.10 13.94
C GLN H 79 -1.38 -5.96 14.87
N LYS H 80 -1.53 -7.24 14.53
CA LYS H 80 -2.49 -8.08 15.23
C LYS H 80 -1.86 -9.27 15.92
N THR H 81 -0.79 -9.85 15.39
CA THR H 81 -0.17 -11.00 16.04
C THR H 81 1.24 -11.15 15.53
N VAL H 82 2.21 -11.25 16.42
CA VAL H 82 3.61 -11.48 16.07
C VAL H 82 4.06 -12.72 16.80
N GLU H 83 4.63 -13.67 16.07
CA GLU H 83 5.11 -14.91 16.65
C GLU H 83 6.48 -15.20 16.05
N GLY H 84 7.03 -16.36 16.36
CA GLY H 84 8.26 -16.80 15.76
C GLY H 84 9.49 -16.28 16.48
N ALA H 85 10.60 -16.98 16.31
CA ALA H 85 11.80 -16.73 17.10
C ALA H 85 13.04 -16.79 16.21
N GLY H 86 13.46 -15.65 15.67
CA GLY H 86 12.85 -14.35 15.91
C GLY H 86 12.77 -13.53 14.66
N SER H 87 11.58 -13.03 14.37
CA SER H 87 11.25 -12.44 13.08
C SER H 87 11.08 -10.95 13.22
N ILE H 88 11.79 -10.19 12.39
CA ILE H 88 11.64 -8.74 12.37
C ILE H 88 10.31 -8.55 11.65
N ALA H 89 9.27 -8.17 12.42
CA ALA H 89 7.93 -8.03 11.88
C ALA H 89 7.80 -6.83 10.93
N ALA H 90 7.85 -5.63 11.49
CA ALA H 90 7.71 -4.43 10.68
C ALA H 90 8.84 -3.46 10.99
N ALA H 91 9.86 -3.43 10.14
CA ALA H 91 11.00 -2.57 10.35
C ALA H 91 11.02 -1.45 9.31
N THR H 92 11.14 -0.21 9.74
CA THR H 92 11.19 0.86 8.77
C THR H 92 12.62 1.28 8.46
N GLY H 93 13.36 1.75 9.44
CA GLY H 93 14.76 2.06 9.25
C GLY H 93 15.55 1.22 10.22
N PHE H 94 16.45 0.40 9.73
CA PHE H 94 16.89 -0.70 10.56
C PHE H 94 18.33 -0.99 10.17
N VAL H 95 19.13 -1.38 11.17
CA VAL H 95 20.53 -1.70 10.99
C VAL H 95 20.93 -2.71 12.05
N LYS H 96 21.39 -3.88 11.62
CA LYS H 96 21.80 -4.92 12.56
C LYS H 96 23.21 -5.40 12.25
N LYS H 97 24.15 -5.06 13.12
CA LYS H 97 25.54 -5.46 12.93
C LYS H 97 26.08 -6.26 14.12
N ASP H 98 25.36 -7.32 14.48
CA ASP H 98 25.78 -8.17 15.58
C ASP H 98 27.13 -8.82 15.29
N GLN H 99 27.95 -8.96 16.33
CA GLN H 99 29.27 -9.56 16.18
C GLN H 99 29.40 -10.82 17.01
N LYS I 45 -31.66 -30.14 9.47
CA LYS I 45 -31.91 -28.96 10.29
C LYS I 45 -32.93 -28.06 9.62
N LYS I 46 -33.43 -27.09 10.39
CA LYS I 46 -34.47 -26.19 9.89
C LYS I 46 -34.18 -24.79 10.41
N GLY I 47 -34.39 -23.79 9.55
CA GLY I 47 -34.22 -22.42 9.94
C GLY I 47 -35.11 -21.47 9.17
N VAL I 48 -35.75 -20.54 9.87
CA VAL I 48 -36.56 -19.50 9.24
C VAL I 48 -36.14 -18.18 9.84
N VAL I 49 -35.76 -17.22 8.99
CA VAL I 49 -35.30 -15.93 9.50
C VAL I 49 -36.15 -14.84 8.86
N HIS I 50 -36.21 -13.70 9.53
CA HIS I 50 -36.71 -12.48 8.90
C HIS I 50 -35.59 -11.61 8.39
N GLY I 51 -34.39 -11.80 8.88
CA GLY I 51 -33.34 -10.92 8.43
C GLY I 51 -33.25 -9.67 9.29
N VAL I 52 -32.01 -9.30 9.61
CA VAL I 52 -30.83 -9.88 9.01
C VAL I 52 -30.20 -10.95 9.94
N ALA I 53 -30.09 -12.17 9.46
CA ALA I 53 -29.44 -13.19 10.26
C ALA I 53 -28.01 -13.41 9.76
N THR I 54 -27.27 -14.25 10.49
CA THR I 54 -26.00 -14.80 10.04
C THR I 54 -25.78 -16.09 10.81
N VAL I 55 -26.07 -17.22 10.19
CA VAL I 55 -26.14 -18.49 10.87
C VAL I 55 -25.05 -19.38 10.31
N ALA I 56 -24.37 -20.12 11.17
CA ALA I 56 -23.13 -20.78 10.74
C ALA I 56 -22.75 -21.88 11.70
N GLU I 57 -21.65 -22.55 11.37
CA GLU I 57 -20.94 -23.46 12.24
C GLU I 57 -19.47 -23.41 11.88
N LYS I 58 -18.60 -23.62 12.89
CA LYS I 58 -17.15 -23.74 12.74
C LYS I 58 -16.53 -22.48 12.11
N THR I 59 -16.96 -21.33 12.58
CA THR I 59 -16.79 -20.10 11.83
C THR I 59 -15.86 -19.12 12.50
N LYS I 60 -14.80 -18.70 11.82
CA LYS I 60 -13.81 -17.93 12.54
C LYS I 60 -14.27 -16.49 12.82
N GLU I 61 -14.91 -15.82 11.88
CA GLU I 61 -15.34 -14.45 12.14
C GLU I 61 -16.78 -14.25 11.68
N GLN I 62 -17.50 -13.37 12.36
CA GLN I 62 -18.88 -13.05 12.05
C GLN I 62 -19.16 -11.60 12.35
N VAL I 63 -19.86 -10.93 11.45
CA VAL I 63 -20.31 -9.57 11.64
C VAL I 63 -21.75 -9.49 11.14
N THR I 64 -22.64 -8.90 11.93
CA THR I 64 -23.98 -8.58 11.50
C THR I 64 -24.20 -7.11 11.73
N ASN I 65 -24.68 -6.41 10.72
CA ASN I 65 -24.81 -4.98 10.89
C ASN I 65 -26.13 -4.55 10.27
N VAL I 66 -26.77 -3.60 10.93
CA VAL I 66 -27.84 -2.78 10.39
C VAL I 66 -27.54 -1.40 10.92
N GLY I 67 -27.15 -0.45 10.08
CA GLY I 67 -26.85 0.86 10.65
C GLY I 67 -26.15 1.82 9.73
N GLY I 68 -25.06 2.42 10.21
CA GLY I 68 -24.21 1.89 11.27
C GLY I 68 -22.86 1.41 10.79
N ALA I 69 -21.94 1.20 11.72
CA ALA I 69 -20.56 0.86 11.37
C ALA I 69 -20.04 -0.23 12.27
N VAL I 70 -19.21 -1.08 11.70
CA VAL I 70 -18.51 -2.14 12.43
C VAL I 70 -17.10 -2.22 11.88
N VAL I 71 -16.11 -2.08 12.75
CA VAL I 71 -14.71 -2.18 12.36
C VAL I 71 -14.09 -3.30 13.17
N THR I 72 -13.66 -4.34 12.49
CA THR I 72 -13.10 -5.50 13.15
C THR I 72 -11.73 -5.84 12.59
N GLY I 73 -11.29 -5.15 11.55
CA GLY I 73 -10.09 -5.53 10.85
C GLY I 73 -8.93 -4.60 11.12
N VAL I 74 -7.75 -5.12 10.82
CA VAL I 74 -6.50 -4.41 11.00
C VAL I 74 -6.46 -3.23 10.06
N THR I 75 -6.05 -2.07 10.56
CA THR I 75 -6.12 -0.86 9.76
C THR I 75 -5.02 0.08 10.19
N ALA I 76 -4.23 0.56 9.25
CA ALA I 76 -3.15 1.47 9.57
C ALA I 76 -3.24 2.66 8.64
N VAL I 77 -3.37 3.85 9.19
CA VAL I 77 -3.38 5.05 8.39
C VAL I 77 -2.24 5.92 8.86
N ALA I 78 -1.36 6.28 7.96
CA ALA I 78 -0.30 7.22 8.25
C ALA I 78 -0.48 8.38 7.31
N GLN I 79 -0.40 9.59 7.84
CA GLN I 79 -0.85 10.71 7.05
C GLN I 79 -0.10 11.95 7.50
N LYS I 80 0.16 12.86 6.57
CA LYS I 80 1.07 13.97 6.85
C LYS I 80 0.42 15.33 6.75
N THR I 81 -0.54 15.52 5.86
CA THR I 81 -1.19 16.83 5.73
C THR I 81 -2.52 16.66 5.03
N VAL I 82 -3.59 17.19 5.61
CA VAL I 82 -4.91 17.16 5.01
C VAL I 82 -5.40 18.59 4.92
N GLU I 83 -5.81 19.01 3.73
CA GLU I 83 -6.32 20.36 3.52
C GLU I 83 -7.57 20.26 2.68
N GLY I 84 -8.10 21.40 2.28
CA GLY I 84 -9.23 21.44 1.37
C GLY I 84 -10.57 21.34 2.09
N ALA I 85 -11.61 21.82 1.44
CA ALA I 85 -12.90 21.99 2.08
C ALA I 85 -14.02 21.55 1.13
N GLY I 86 -14.42 20.29 1.21
CA GLY I 86 -13.91 19.32 2.16
C GLY I 86 -13.72 17.97 1.53
N SER I 87 -12.53 17.42 1.71
CA SER I 87 -12.07 16.27 0.97
C SER I 87 -11.99 15.05 1.88
N ILE I 88 -12.62 13.96 1.48
CA ILE I 88 -12.54 12.71 2.23
C ILE I 88 -11.14 12.21 1.90
N ALA I 89 -10.24 12.31 2.87
CA ALA I 89 -8.84 11.94 2.67
C ALA I 89 -8.65 10.43 2.52
N ALA I 90 -8.82 9.68 3.60
CA ALA I 90 -8.65 8.24 3.55
C ALA I 90 -9.85 7.55 4.17
N ALA I 91 -10.76 7.07 3.33
CA ALA I 91 -11.95 6.40 3.80
C ALA I 91 -11.91 4.92 3.49
N THR I 92 -12.14 4.08 4.49
CA THR I 92 -12.12 2.65 4.22
C THR I 92 -13.52 2.10 3.98
N GLY I 93 -14.40 2.19 4.97
CA GLY I 93 -15.77 1.79 4.77
C GLY I 93 -16.63 2.99 5.05
N PHE I 94 -17.42 3.43 4.09
CA PHE I 94 -17.92 4.79 4.16
C PHE I 94 -19.28 4.80 3.50
N VAL I 95 -20.17 5.63 4.03
CA VAL I 95 -21.53 5.77 3.54
C VAL I 95 -22.01 7.18 3.86
N LYS I 96 -22.35 7.94 2.83
CA LYS I 96 -22.81 9.31 3.03
C LYS I 96 -24.16 9.52 2.33
N LYS I 97 -25.22 9.66 3.13
CA LYS I 97 -26.55 9.87 2.58
C LYS I 97 -27.18 11.15 3.09
N ASP I 98 -26.48 12.26 2.94
CA ASP I 98 -26.99 13.56 3.38
C ASP I 98 -28.26 13.93 2.63
N GLN I 99 -29.19 14.56 3.32
CA GLN I 99 -30.46 14.98 2.70
C GLN I 99 -30.62 16.49 2.74
N LYS J 45 -32.21 -30.60 4.60
CA LYS J 45 -32.42 -29.41 5.42
C LYS J 45 -33.42 -28.48 4.76
N LYS J 46 -33.90 -27.50 5.52
CA LYS J 46 -34.91 -26.57 5.02
C LYS J 46 -34.58 -25.18 5.55
N GLY J 47 -34.76 -24.18 4.69
CA GLY J 47 -34.55 -22.80 5.08
C GLY J 47 -35.42 -21.84 4.30
N VAL J 48 -36.03 -20.89 4.99
CA VAL J 48 -36.81 -19.83 4.36
C VAL J 48 -36.36 -18.51 4.97
N VAL J 49 -35.95 -17.56 4.13
CA VAL J 49 -35.46 -16.29 4.63
C VAL J 49 -36.28 -15.18 3.99
N HIS J 50 -36.32 -14.03 4.66
CA HIS J 50 -36.78 -12.80 4.04
C HIS J 50 -35.63 -11.96 3.53
N GLY J 51 -34.44 -12.19 4.03
CA GLY J 51 -33.36 -11.33 3.59
C GLY J 51 -33.23 -10.09 4.46
N VAL J 52 -32.00 -9.75 4.79
CA VAL J 52 -30.83 -10.37 4.19
C VAL J 52 -30.24 -11.45 5.11
N ALA J 53 -30.16 -12.67 4.64
CA ALA J 53 -29.53 -13.71 5.44
C ALA J 53 -28.11 -13.97 4.95
N THR J 54 -27.41 -14.82 5.69
CA THR J 54 -26.14 -15.41 5.25
C THR J 54 -25.97 -16.71 6.01
N VAL J 55 -26.28 -17.83 5.38
CA VAL J 55 -26.38 -19.10 6.07
C VAL J 55 -25.31 -20.02 5.51
N ALA J 56 -24.65 -20.79 6.37
CA ALA J 56 -23.45 -21.47 5.95
C ALA J 56 -23.09 -22.59 6.91
N GLU J 57 -22.00 -23.27 6.58
CA GLU J 57 -21.32 -24.21 7.46
C GLU J 57 -19.85 -24.20 7.12
N LYS J 58 -18.99 -24.42 8.13
CA LYS J 58 -17.54 -24.58 7.98
C LYS J 58 -16.90 -23.36 7.36
N THR J 59 -17.29 -22.19 7.83
CA THR J 59 -17.09 -20.96 7.08
C THR J 59 -16.14 -20.00 7.77
N LYS J 60 -15.07 -19.61 7.09
CA LYS J 60 -14.05 -18.87 7.82
C LYS J 60 -14.47 -17.42 8.09
N GLU J 61 -15.09 -16.73 7.15
CA GLU J 61 -15.49 -15.35 7.41
C GLU J 61 -16.90 -15.11 6.94
N GLN J 62 -17.61 -14.21 7.62
CA GLN J 62 -18.99 -13.86 7.31
C GLN J 62 -19.23 -12.39 7.60
N VAL J 63 -19.91 -11.71 6.70
CA VAL J 63 -20.34 -10.33 6.89
C VAL J 63 -21.76 -10.22 6.38
N THR J 64 -22.63 -9.60 7.17
CA THR J 64 -23.96 -9.26 6.72
C THR J 64 -24.14 -7.78 6.95
N ASN J 65 -24.59 -7.06 5.94
CA ASN J 65 -24.68 -5.63 6.11
C ASN J 65 -26.00 -5.16 5.49
N VAL J 66 -26.62 -4.20 6.15
CA VAL J 66 -27.66 -3.34 5.60
C VAL J 66 -27.32 -1.98 6.13
N GLY J 67 -26.91 -1.03 5.30
CA GLY J 67 -26.59 0.26 5.86
C GLY J 67 -25.84 1.21 4.95
N GLY J 68 -24.74 1.77 5.44
CA GLY J 68 -23.91 1.23 6.50
C GLY J 68 -22.57 0.71 6.03
N ALA J 69 -21.66 0.47 6.97
CA ALA J 69 -20.30 0.10 6.63
C ALA J 69 -19.80 -1.01 7.53
N VAL J 70 -19.00 -1.89 6.97
CA VAL J 70 -18.33 -2.96 7.70
C VAL J 70 -16.92 -3.07 7.16
N VAL J 71 -15.93 -2.97 8.03
CA VAL J 71 -14.54 -3.10 7.66
C VAL J 71 -13.95 -4.23 8.46
N THR J 72 -13.54 -5.29 7.79
CA THR J 72 -13.01 -6.45 8.45
C THR J 72 -11.65 -6.84 7.90
N GLY J 73 -11.19 -6.17 6.86
CA GLY J 73 -10.00 -6.56 6.18
C GLY J 73 -8.82 -5.67 6.45
N VAL J 74 -7.64 -6.23 6.15
CA VAL J 74 -6.37 -5.56 6.34
C VAL J 74 -6.29 -4.37 5.40
N THR J 75 -5.86 -3.22 5.91
CA THR J 75 -5.89 -2.01 5.11
C THR J 75 -4.77 -1.09 5.55
N ALA J 76 -3.95 -0.65 4.62
CA ALA J 76 -2.86 0.24 4.94
C ALA J 76 -2.92 1.43 4.02
N VAL J 77 -3.02 2.62 4.57
CA VAL J 77 -2.99 3.82 3.77
C VAL J 77 -1.83 4.66 4.25
N ALA J 78 -0.94 5.00 3.35
CA ALA J 78 0.15 5.91 3.65
C ALA J 78 0.00 7.08 2.71
N GLN J 79 0.11 8.29 3.24
CA GLN J 79 -0.29 9.42 2.45
C GLN J 79 0.48 10.64 2.90
N LYS J 80 0.77 11.55 1.99
CA LYS J 80 1.71 12.62 2.27
C LYS J 80 1.10 14.01 2.16
N THR J 81 0.14 14.23 1.26
CA THR J 81 -0.47 15.54 1.14
C THR J 81 -1.80 15.41 0.42
N VAL J 82 -2.85 15.97 1.00
CA VAL J 82 -4.17 15.98 0.38
C VAL J 82 -4.62 17.43 0.30
N GLU J 83 -5.02 17.85 -0.88
CA GLU J 83 -5.48 19.22 -1.11
C GLU J 83 -6.73 19.16 -1.96
N GLY J 84 -7.23 20.31 -2.35
CA GLY J 84 -8.35 20.38 -3.27
C GLY J 84 -9.69 20.31 -2.55
N ALA J 85 -10.71 20.83 -3.21
CA ALA J 85 -12.02 21.02 -2.58
C ALA J 85 -13.13 20.62 -3.54
N GLY J 86 -13.58 19.37 -3.46
CA GLY J 86 -13.09 18.39 -2.51
C GLY J 86 -12.93 17.03 -3.13
N SER J 87 -11.76 16.45 -2.96
CA SER J 87 -11.33 15.27 -3.69
C SER J 87 -11.28 14.05 -2.79
N ILE J 88 -11.95 12.99 -3.19
CA ILE J 88 -11.89 11.74 -2.44
C ILE J 88 -10.51 11.20 -2.75
N ALA J 89 -9.62 11.27 -1.79
CA ALA J 89 -8.22 10.87 -1.97
C ALA J 89 -8.07 9.35 -2.14
N ALA J 90 -8.27 8.62 -1.05
CA ALA J 90 -8.14 7.17 -1.11
C ALA J 90 -9.36 6.51 -0.49
N ALA J 91 -10.27 6.05 -1.34
CA ALA J 91 -11.50 5.42 -0.87
C ALA J 91 -11.48 3.92 -1.19
N THR J 92 -11.74 3.10 -0.20
CA THR J 92 -11.76 1.66 -0.46
C THR J 92 -13.17 1.15 -0.71
N GLY J 93 -14.05 1.27 0.27
CA GLY J 93 -15.43 0.91 0.06
C GLY J 93 -16.27 2.13 0.34
N PHE J 94 -17.03 2.59 -0.63
CA PHE J 94 -17.50 3.95 -0.56
C PHE J 94 -18.86 4.00 -1.22
N VAL J 95 -19.73 4.86 -0.69
CA VAL J 95 -21.08 5.04 -1.20
C VAL J 95 -21.51 6.46 -0.88
N LYS J 96 -21.83 7.24 -1.91
CA LYS J 96 -22.27 8.62 -1.72
C LYS J 96 -23.59 8.87 -2.42
N LYS J 97 -24.66 9.03 -1.63
CA LYS J 97 -25.98 9.27 -2.19
C LYS J 97 -26.59 10.58 -1.69
N ASP J 98 -25.85 11.67 -1.82
CA ASP J 98 -26.33 12.97 -1.39
C ASP J 98 -27.58 13.38 -2.15
N GLN J 99 -28.50 14.04 -1.46
CA GLN J 99 -29.75 14.48 -2.08
C GLN J 99 -29.88 16.00 -2.04
C14 V79 K . -38.71 -2.49 -8.17
C18 V79 K . -40.82 -4.96 -8.20
C24 V79 K . -31.96 -0.06 -4.03
C29 V79 K . -30.94 -1.78 -2.26
C11 V79 K . -36.03 0.10 -7.48
C13 V79 K . -37.65 -1.84 -7.68
C01 V79 K . -36.51 2.25 -9.07
C02 V79 K . -35.74 1.45 -8.00
C03 V79 K . -34.76 1.84 -7.40
C04 V79 K . -34.12 3.31 -7.69
C05 V79 K . -33.05 3.33 -8.71
C06 V79 K . -32.35 4.59 -8.73
O07 V79 K . -33.02 5.68 -8.92
O08 V79 K . -31.21 4.67 -8.12
C09 V79 K . -34.42 0.80 -6.53
N10 V79 K . -35.28 -0.22 -6.67
C12 V79 K . -37.30 -0.61 -8.12
C15 V79 K . -39.75 -1.95 -9.32
C16 V79 K . -38.71 -3.83 -7.38
C17 V79 K . -39.78 -5.08 -7.53
C19 V79 K . -37.56 -3.74 -6.52
N20 V79 K . -36.97 -2.59 -6.69
N22 V79 K . -33.66 -1.35 -4.71
C23 V79 K . -33.03 -0.08 -4.88
C25 V79 K . -30.88 0.97 -3.73
O26 V79 K . -31.18 1.95 -3.00
O27 V79 K . -29.89 1.02 -4.37
C28 V79 K . -31.95 -1.36 -3.31
C30 V79 K . -32.95 -2.06 -3.73
C31 V79 K . -33.15 -3.33 -3.21
C32 V79 K . -33.34 0.87 -5.65
C33 V79 K . -33.09 2.12 -5.23
C34 V79 K . -31.96 2.82 -5.77
O35 V79 K . -31.60 3.75 -5.26
O36 V79 K . -31.04 2.11 -6.68
N37 V79 K . -35.26 -3.59 -4.76
C38 V79 K . -34.28 -4.04 -3.70
C39 V79 K . -34.57 -5.32 -3.22
C40 V79 K . -33.79 -6.11 -2.13
C41 V79 K . -34.46 -5.98 -0.68
C42 V79 K . -35.68 -5.70 -3.89
C43 V79 K . -36.42 -7.03 -3.73
C44 V79 K . -36.03 -4.53 -4.83
C45 V79 K . -37.13 -4.75 -5.60
CU1 V79 K . -35.27 -1.94 -5.70
C14 V79 L . -38.50 -2.73 -13.03
C18 V79 L . -40.67 -5.14 -13.06
C24 V79 L . -31.65 -0.55 -8.94
C29 V79 L . -30.66 -2.32 -7.21
C11 V79 L . -35.76 -0.23 -12.33
C13 V79 L . -37.42 -2.11 -12.55
C01 V79 L . -36.18 1.95 -13.89
C02 V79 L . -35.43 1.12 -12.84
C03 V79 L . -34.43 1.47 -12.24
C04 V79 L . -33.76 2.95 -12.52
C05 V79 L . -32.69 2.94 -13.55
C06 V79 L . -31.96 4.18 -13.56
O07 V79 L . -32.60 5.28 -13.74
O08 V79 L . -30.80 4.22 -12.97
C09 V79 L . -34.10 0.41 -11.40
N10 V79 L . -35.00 -0.58 -11.55
C12 V79 L . -37.04 -0.90 -12.96
C15 V79 L . -39.54 -2.15 -14.17
C16 V79 L . -38.53 -4.09 -12.27
C17 V79 L . -39.63 -5.31 -12.42
C19 V79 L . -37.38 -4.04 -11.42
N20 V79 L . -36.75 -2.91 -11.58
N22 V79 L . -33.39 -1.78 -9.61
C23 V79 L . -32.72 -0.53 -9.78
C25 V79 L . -30.53 0.45 -8.63
O26 V79 L . -30.79 1.42 -7.88
O27 V79 L . -29.55 0.47 -9.28
C28 V79 L . -31.66 -1.86 -8.22
C30 V79 L . -32.68 -2.53 -8.66
C31 V79 L . -32.92 -3.80 -8.15
C32 V79 L . -33.01 0.44 -10.54
C33 V79 L . -32.73 1.67 -10.08
C34 V79 L . -31.58 2.35 -10.63
O35 V79 L . -31.19 3.27 -10.12
O36 V79 L . -30.70 1.63 -11.56
N37 V79 L . -35.05 -3.99 -9.68
C38 V79 L . -34.07 -4.47 -8.64
C39 V79 L . -34.40 -5.75 -8.17
C40 V79 L . -33.61 -6.58 -7.09
C41 V79 L . -34.27 -6.45 -5.64
C42 V79 L . -35.51 -6.08 -8.84
C43 V79 L . -36.30 -7.40 -8.68
C44 V79 L . -35.85 -4.90 -9.76
C45 V79 L . -36.96 -5.07 -10.51
CU1 V79 L . -35.02 -2.31 -10.59
C14 V79 M . 39.38 0.21 -1.04
C18 V79 M . 41.52 2.43 -2.07
C24 V79 M . 32.09 -0.07 2.88
C29 V79 M . 30.89 2.27 3.37
C11 V79 M . 36.58 -1.77 0.54
C13 V79 M . 38.25 -0.15 -0.43
C01 V79 M . 37.21 -4.41 0.35
C02 V79 M . 36.33 -3.22 0.76
C03 V79 M . 35.26 -3.29 1.35
C04 V79 M . 34.64 -4.73 1.78
C05 V79 M . 33.71 -5.32 0.79
C06 V79 M . 32.99 -6.45 1.33
O07 V79 M . 33.66 -7.44 1.81
O08 V79 M . 31.77 -6.25 1.75
C09 V79 M . 34.83 -1.96 1.51
N10 V79 M . 35.74 -1.13 0.96
C12 V79 M . 37.93 -1.43 -0.21
C15 V79 M . 40.55 -0.78 -1.62
C16 V79 M . 39.30 1.77 -1.07
C17 V79 M . 40.40 2.82 -1.70
C19 V79 M . 38.06 2.08 -0.43
N20 V79 M . 37.46 0.97 -0.06
N22 V79 M . 33.90 0.77 1.86
C23 V79 M . 33.26 -0.43 2.28
C25 V79 M . 30.95 -0.85 3.53
O26 V79 M . 31.13 -1.29 4.69
O27 V79 M . 30.05 -1.26 2.88
C28 V79 M . 32.01 1.42 2.83
C30 V79 M . 33.08 1.85 2.22
C31 V79 M . 33.24 3.22 2.05
C32 V79 M . 33.65 -1.63 2.15
C33 V79 M . 33.31 -2.49 3.13
C34 V79 M . 32.24 -3.42 2.89
O35 V79 M . 31.81 -3.98 3.75
O36 V79 M . 31.48 -3.33 1.63
N37 V79 M . 35.54 2.76 0.86
C38 V79 M . 34.44 3.63 1.39
C39 V79 M . 34.70 4.98 1.19
C40 V79 M . 33.79 6.19 1.61
C41 V79 M . 34.26 6.86 2.99
C42 V79 M . 35.88 5.01 0.57
C43 V79 M . 36.63 6.28 0.11
C44 V79 M . 36.34 3.55 0.40
C45 V79 M . 37.53 3.41 -0.21
CU1 V79 M . 35.63 0.85 0.92
C14 V79 N . 39.82 -2.08 -5.33
C18 V79 N . 42.03 0.08 -6.32
C24 V79 N . 32.44 -2.18 -1.57
C29 V79 N . 31.27 0.19 -1.14
C11 V79 N . 36.94 -4.00 -3.77
C13 V79 N . 38.66 -2.41 -4.73
C01 V79 N . 37.53 -6.64 -3.93
C02 V79 N . 36.66 -5.43 -3.55
C03 V79 N . 35.59 -5.47 -2.99
C04 V79 N . 34.91 -6.91 -2.56
C05 V79 N . 34.00 -7.49 -3.56
C06 V79 N . 33.25 -8.59 -3.03
O07 V79 N . 33.89 -9.59 -2.53
O08 V79 N . 32.02 -8.37 -2.65
C09 V79 N . 35.17 -4.14 -2.86
N10 V79 N . 36.10 -3.33 -3.38
C12 V79 N . 38.31 -3.68 -4.51
C15 V79 N . 40.98 -3.10 -5.85
C16 V79 N . 39.78 -0.52 -5.37
C17 V79 N . 40.92 0.50 -5.99
C19 V79 N . 38.52 -0.18 -4.76
N20 V79 N . 37.90 -1.26 -4.39
N22 V79 N . 34.28 -1.38 -2.56
C23 V79 N . 33.60 -2.57 -2.14
C25 V79 N . 31.27 -2.93 -0.94
O26 V79 N . 31.40 -3.36 0.22
O27 V79 N . 30.38 -3.33 -1.60
C28 V79 N . 32.38 -0.69 -1.65
C30 V79 N . 33.47 -0.28 -2.23
C31 V79 N . 33.67 1.09 -2.42
C32 V79 N . 33.97 -3.77 -2.25
C33 V79 N . 33.61 -4.62 -1.26
C34 V79 N . 32.52 -5.54 -1.53
O35 V79 N . 32.05 -6.08 -0.67
O36 V79 N . 31.79 -5.44 -2.80
N37 V79 N . 35.99 0.56 -3.54
C38 V79 N . 34.88 1.46 -3.04
C39 V79 N . 35.17 2.81 -3.26
C40 V79 N . 34.28 4.03 -2.87
C41 V79 N . 34.73 4.71 -1.49
C42 V79 N . 36.38 2.80 -3.85
C43 V79 N . 37.16 4.06 -4.30
C44 V79 N . 36.81 1.33 -3.98
C45 V79 N . 38.01 1.16 -4.57
CU1 V79 N . 36.04 -1.34 -3.47
C14 V79 O . -39.23 -2.39 -3.05
C18 V79 O . -41.23 -4.93 -2.95
C24 V79 O . -32.40 0.36 0.76
C29 V79 O . -31.24 -1.31 2.50
C11 V79 O . -36.63 0.31 -2.51
C13 V79 O . -38.17 -1.68 -2.62
C01 V79 O . -37.25 2.42 -4.09
C02 V79 O . -36.42 1.67 -3.04
C03 V79 O . -35.42 2.10 -2.49
C04 V79 O . -34.86 3.60 -2.84
C05 V79 O . -33.82 3.65 -3.89
C06 V79 O . -33.19 4.93 -3.96
O07 V79 O . -33.90 5.99 -4.14
O08 V79 O . -32.01 5.06 -3.41
C09 V79 O . -34.99 1.08 -1.64
N10 V79 O . -35.83 0.04 -1.74
C12 V79 O . -37.89 -0.45 -3.08
C15 V79 O . -40.34 -1.90 -4.17
C16 V79 O . -39.13 -3.72 -2.25
C17 V79 O . -40.16 -5.01 -2.34
C19 V79 O . -37.97 -3.57 -1.45
N20 V79 O . -37.42 -2.40 -1.65
N22 V79 O . -34.08 -1.01 0.17
C23 V79 O . -33.50 0.28 -0.04
C25 V79 O . -31.35 1.43 1.00
O26 V79 O . -31.65 2.40 1.74
O27 V79 O . -30.39 1.51 0.32
C28 V79 O . -32.30 -0.93 1.50
C30 V79 O . -33.29 -1.69 1.12
C31 V79 O . -33.43 -2.96 1.67
C32 V79 O . -33.88 1.20 -0.81
C33 V79 O . -33.67 2.47 -0.40
C34 V79 O . -32.59 3.21 -1.00
O35 V79 O . -32.24 4.16 -0.52
O36 V79 O . -31.69 2.52 -1.94
N37 V79 O . -35.59 -3.32 0.22
C38 V79 O . -34.55 -3.71 1.23
C39 V79 O . -34.78 -4.99 1.74
C40 V79 O . -33.90 -5.75 2.81
C41 V79 O . -34.52 -5.62 4.28
C42 V79 O . -35.88 -5.42 1.12
C43 V79 O . -36.57 -6.78 1.33
C44 V79 O . -36.33 -4.28 0.19
C45 V79 O . -37.45 -4.55 -0.52
CU1 V79 O . -35.71 -1.67 -0.74
C14 V79 P . 39.21 2.77 3.43
C18 V79 P . 41.25 5.11 2.44
C24 V79 P . 31.89 2.05 7.21
C29 V79 P . 30.56 4.32 7.69
C11 V79 P . 36.51 0.62 4.95
C13 V79 P . 38.09 2.35 4.02
C01 V79 P . 37.29 -1.97 4.76
C02 V79 P . 36.34 -0.83 5.16
C03 V79 P . 35.27 -0.97 5.72
C04 V79 P . 34.72 -2.46 6.14
C05 V79 P . 33.84 -3.09 5.13
C06 V79 P . 33.18 -4.25 5.66
O07 V79 P . 33.89 -5.22 6.14
O08 V79 P . 31.94 -4.13 6.05
C09 V79 P . 34.76 0.32 5.88
N10 V79 P . 35.62 1.21 5.36
C12 V79 P . 37.85 1.05 4.22
C15 V79 P . 40.45 1.85 2.86
C16 V79 P . 39.05 4.33 3.40
C17 V79 P . 40.10 5.44 2.79
C19 V79 P . 37.78 4.56 4.02
N20 V79 P . 37.24 3.42 4.37
N22 V79 P . 33.66 3.00 6.22
C23 V79 P . 33.09 1.76 6.63
C25 V79 P . 30.79 1.20 7.85
O26 V79 P . 30.97 0.76 9.00
O27 V79 P . 29.93 0.75 7.18
C28 V79 P . 31.73 3.54 7.16
C30 V79 P . 32.77 4.03 6.59
C31 V79 P . 32.86 5.41 6.41
C32 V79 P . 33.54 0.59 6.50
C33 V79 P . 33.24 -0.29 7.48
C34 V79 P . 32.24 -1.28 7.21
O35 V79 P . 31.82 -1.87 8.06
O36 V79 P . 31.48 -1.24 5.94
N37 V79 P . 35.21 5.08 5.27
C38 V79 P . 34.05 5.89 5.78
C39 V79 P . 34.23 7.26 5.59
C40 V79 P . 33.25 8.41 6.01
C41 V79 P . 33.66 9.08 7.39
C42 V79 P . 35.43 7.36 4.98
C43 V79 P . 36.11 8.67 4.55
C44 V79 P . 35.96 5.93 4.82
C45 V79 P . 37.18 5.85 4.23
CU1 V79 P . 35.40 3.19 5.31
C14 V79 Q . 39.09 5.73 8.28
C18 V79 Q . 40.92 8.24 7.34
C24 V79 Q . 31.80 4.32 11.96
C29 V79 Q . 30.27 6.45 12.43
C11 V79 Q . 36.57 3.33 9.76
C13 V79 Q . 38.00 5.20 8.86
C01 V79 Q . 37.58 0.81 9.57
C02 V79 Q . 36.53 1.86 9.96
C03 V79 Q . 35.46 1.63 10.51
C04 V79 Q . 35.05 0.10 10.90
C05 V79 Q . 34.24 -0.61 9.89
C06 V79 Q . 33.68 -1.84 10.39
O07 V79 Q . 34.48 -2.72 10.89
O08 V79 Q . 32.44 -1.83 10.77
C09 V79 Q . 34.84 2.87 10.66
N10 V79 Q . 35.63 3.83 10.16
C12 V79 Q . 37.88 3.87 9.05
C15 V79 Q . 40.42 4.92 7.74
C16 V79 Q . 38.79 7.26 8.26
C17 V79 Q . 39.75 8.47 7.68
C19 V79 Q . 37.49 7.37 8.87
N20 V79 Q . 37.05 6.19 9.21
N22 V79 Q . 33.50 5.44 11.00
C23 V79 Q . 33.03 4.14 11.39
C25 V79 Q . 30.78 3.38 12.57
O26 V79 Q . 30.98 2.94 13.73
O27 V79 Q . 29.97 2.85 11.89
C28 V79 Q . 31.50 5.78 11.91
C30 V79 Q . 32.52 6.37 11.35
C31 V79 Q . 32.49 7.77 11.19
C32 V79 Q . 33.59 3.02 11.26
C33 V79 Q . 33.37 2.11 12.23
C34 V79 Q . 32.46 1.02 11.94
O35 V79 Q . 32.08 0.40 12.79
O36 V79 Q . 31.73 1.02 10.67
N37 V79 Q . 34.86 7.65 10.07
C38 V79 Q . 33.63 8.34 10.59
C39 V79 Q . 33.69 9.72 10.39
C40 V79 Q . 32.60 10.78 10.79
C41 V79 Q . 32.93 11.50 12.19
C42 V79 Q . 34.88 9.94 9.81
C43 V79 Q . 35.45 11.31 9.39
C44 V79 Q . 35.55 8.56 9.65
C45 V79 Q . 36.77 8.60 9.07
CU1 V79 Q . 35.24 5.79 10.12
C14 V79 R . -39.85 -2.41 2.60
C18 V79 R . -41.67 -5.09 2.86
C24 V79 R . -33.02 0.86 5.96
C29 V79 R . -31.65 -0.70 7.65
C11 V79 R . -37.42 0.46 2.96
C13 V79 R . -38.82 -1.64 2.96
C01 V79 R . -38.28 2.50 1.38
C02 V79 R . -37.34 1.83 2.38
C03 V79 R . -36.34 2.32 2.86
C04 V79 R . -35.89 3.86 2.48
C05 V79 R . -34.94 3.96 1.35
C06 V79 R . -34.39 5.28 1.23
O07 V79 R . -35.19 6.28 1.09
O08 V79 R . -33.20 5.50 1.71
C09 V79 R . -35.80 1.36 3.71
N10 V79 R . -36.55 0.26 3.68
C12 V79 R . -38.66 -0.39 2.47
C15 V79 R . -41.05 -2.03 1.55
C16 V79 R . -39.62 -3.72 3.41
C17 V79 R . -40.55 -5.08 3.40
C19 V79 R . -38.42 -3.48 4.14
N20 V79 R . -37.97 -2.28 3.89
N22 V79 R . -34.63 -0.64 5.49
C23 V79 R . -34.16 0.69 5.23
C25 V79 R . -32.04 2.00 6.12
O26 V79 R . -32.35 2.96 6.86
O27 V79 R . -31.13 2.13 5.38
C28 V79 R . -32.79 -0.42 6.71
C30 V79 R . -33.75 -1.23 6.40
C31 V79 R . -33.76 -2.51 6.97
C32 V79 R . -34.65 1.57 4.47
C33 V79 R . -34.49 2.86 4.85
C34 V79 R . -33.51 3.66 4.17
O35 V79 R . -33.20 4.64 4.61
O36 V79 R . -32.62 3.02 3.18
N37 V79 R . -35.97 -3.04 5.66
C38 V79 R . -34.85 -3.35 6.61
C39 V79 R . -34.95 -4.63 7.16
C40 V79 R . -33.98 -5.30 8.18
C41 V79 R . -34.50 -5.20 9.68
C42 V79 R . -36.07 -5.14 6.61
C43 V79 R . -36.65 -6.55 6.88
C44 V79 R . -36.64 -4.06 5.69
C45 V79 R . -37.78 -4.41 5.05
CU1 V79 R . -36.26 -1.42 4.69
#